data_5SNH
#
_entry.id   5SNH
#
_cell.length_a   137.424
_cell.length_b   65.303
_cell.length_c   84.368
_cell.angle_alpha   90.000
_cell.angle_beta   93.280
_cell.angle_gamma   90.000
#
_symmetry.space_group_name_H-M   'C 1 2 1'
#
loop_
_entity.id
_entity.type
_entity.pdbx_description
1 polymer '3-oxoacyl-[acyl-carrier-protein] synthase 2'
2 non-polymer 4-(4-fluorophenyl)piperazine-1-carboxamide
3 non-polymer 'DIMETHYL SULFOXIDE'
4 non-polymer 'PHOSPHATE ION'
5 water water
#
_entity_poly.entity_id   1
_entity_poly.type   'polypeptide(L)'
_entity_poly.pdbx_seq_one_letter_code
;MSRRRVVITGMGMLSPLGLDVPSSWEGILAGRSGIAPIEHMDLSAYSTRFGGSVKGFNVEEYLSAKEARKLDLFIQYGLA
ASFQAVRDSGLEVTDANRERIGVSMGSGIGGLTNIENNCRSLFEQGPRRISPFFVPGSIINMVSGFLSIHLGLQGPNYAL
TTAQTTGTHSIGMAARNIAYGEADVMVAGGSEMAACGLGLGGFGAARALSTRNDEPTRASRPWDRDRDGFVLSDGSGALV
LEELEHARARGARIYAELVGFGMSGDAFHMTAPPEDGAGAARCMKNALRDAGLDPRQVDYINAHGTSTPAGDIAEIAAVK
SVFGEHAHALSMSSTKSMTGHLLGAAGAVEAIFSVLALRDQVAPPTINLDNPDEGCDLDLVAHEAKPRKIDVALSNSFGF
GGTNGTLVFRRFAD
;
_entity_poly.pdbx_strand_id   A,B
#
loop_
_chem_comp.id
_chem_comp.type
_chem_comp.name
_chem_comp.formula
DMS non-polymer 'DIMETHYL SULFOXIDE' 'C2 H6 O S'
O1M non-polymer 4-(4-fluorophenyl)piperazine-1-carboxamide 'C11 H14 F N3 O'
PO4 non-polymer 'PHOSPHATE ION' 'O4 P -3'
#
# COMPACT_ATOMS: atom_id res chain seq x y z
N SER A 2 23.44 9.37 8.89
CA SER A 2 23.61 9.78 7.46
C SER A 2 23.44 8.57 6.51
N ARG A 3 23.11 8.84 5.24
CA ARG A 3 22.52 7.86 4.30
C ARG A 3 23.46 6.65 4.07
N ARG A 4 22.95 5.43 4.28
CA ARG A 4 23.76 4.20 4.12
C ARG A 4 23.49 3.55 2.75
N ARG A 5 24.46 2.75 2.30
CA ARG A 5 24.37 1.98 1.03
C ARG A 5 23.60 0.67 1.23
N VAL A 6 22.94 0.21 0.18
CA VAL A 6 21.98 -0.94 0.20
C VAL A 6 22.33 -1.93 -0.92
N VAL A 7 22.47 -3.20 -0.55
CA VAL A 7 22.81 -4.28 -1.52
C VAL A 7 21.74 -5.36 -1.51
N ILE A 8 21.68 -6.14 -2.59
CA ILE A 8 20.76 -7.29 -2.79
C ILE A 8 21.54 -8.57 -2.47
N THR A 9 21.09 -9.34 -1.46
CA THR A 9 21.79 -10.53 -0.89
C THR A 9 20.94 -11.79 -1.12
N GLY A 10 19.70 -11.63 -1.56
CA GLY A 10 18.76 -12.74 -1.76
C GLY A 10 17.64 -12.37 -2.69
N MET A 11 17.22 -13.30 -3.55
CA MET A 11 16.08 -13.08 -4.50
C MET A 11 15.18 -14.32 -4.56
N GLY A 12 13.89 -14.11 -4.82
CA GLY A 12 12.93 -15.23 -4.94
C GLY A 12 11.82 -14.88 -5.89
N MET A 13 11.24 -15.89 -6.51
CA MET A 13 10.29 -15.63 -7.61
C MET A 13 9.38 -16.84 -7.86
N LEU A 14 8.10 -16.53 -8.12
CA LEU A 14 7.22 -17.33 -8.99
C LEU A 14 6.81 -16.49 -10.21
N SER A 15 6.96 -17.07 -11.37
CA SER A 15 6.61 -16.42 -12.65
C SER A 15 5.95 -17.46 -13.54
N PRO A 16 5.35 -17.01 -14.67
CA PRO A 16 4.90 -17.93 -15.70
C PRO A 16 6.02 -18.75 -16.34
N LEU A 17 7.28 -18.44 -16.07
CA LEU A 17 8.42 -19.20 -16.65
C LEU A 17 9.02 -20.19 -15.64
N GLY A 18 8.67 -20.11 -14.36
CA GLY A 18 9.30 -21.01 -13.37
C GLY A 18 8.82 -20.80 -11.95
N LEU A 19 9.07 -21.79 -11.09
CA LEU A 19 8.73 -21.77 -9.64
C LEU A 19 9.89 -21.24 -8.80
N ASP A 20 10.95 -20.72 -9.44
CA ASP A 20 12.01 -19.99 -8.71
C ASP A 20 12.75 -19.03 -9.64
N VAL A 21 13.77 -18.35 -9.13
CA VAL A 21 14.58 -17.41 -9.94
C VAL A 21 15.35 -18.14 -11.03
N PRO A 22 16.19 -19.15 -10.74
CA PRO A 22 17.01 -19.82 -11.76
C PRO A 22 16.24 -20.33 -12.97
N SER A 23 15.12 -21.05 -12.76
CA SER A 23 14.28 -21.67 -13.80
C SER A 23 13.59 -20.57 -14.63
N SER A 24 13.13 -19.51 -13.98
CA SER A 24 12.56 -18.30 -14.61
C SER A 24 13.61 -17.63 -15.50
N TRP A 25 14.81 -17.40 -15.00
CA TRP A 25 15.93 -16.74 -15.72
C TRP A 25 16.39 -17.54 -16.97
N GLU A 26 16.46 -18.87 -16.86
N GLU A 26 16.46 -18.87 -16.86
CA GLU A 26 16.76 -19.76 -18.01
CA GLU A 26 16.75 -19.78 -18.02
C GLU A 26 15.73 -19.51 -19.11
C GLU A 26 15.73 -19.50 -19.12
N GLY A 27 14.44 -19.44 -18.75
CA GLY A 27 13.36 -19.13 -19.69
C GLY A 27 13.53 -17.78 -20.36
N ILE A 28 13.89 -16.76 -19.57
CA ILE A 28 14.18 -15.37 -20.05
C ILE A 28 15.31 -15.39 -21.09
N LEU A 29 16.43 -16.06 -20.80
CA LEU A 29 17.62 -15.98 -21.69
C LEU A 29 17.38 -16.82 -22.97
N ALA A 30 16.49 -17.82 -22.92
CA ALA A 30 16.16 -18.66 -24.10
C ALA A 30 14.97 -18.10 -24.89
N GLY A 31 14.40 -16.96 -24.48
CA GLY A 31 13.29 -16.30 -25.19
C GLY A 31 11.98 -17.10 -25.09
N ARG A 32 11.77 -17.83 -24.00
CA ARG A 32 10.58 -18.71 -23.86
C ARG A 32 9.38 -17.87 -23.39
N SER A 33 8.19 -18.07 -23.96
CA SER A 33 6.92 -17.50 -23.46
C SER A 33 6.32 -18.42 -22.39
N GLY A 34 5.82 -17.81 -21.32
CA GLY A 34 5.06 -18.48 -20.26
C GLY A 34 3.58 -18.19 -20.37
N ILE A 35 3.12 -17.74 -21.54
CA ILE A 35 1.71 -17.36 -21.79
C ILE A 35 0.98 -18.54 -22.48
N ALA A 36 -0.21 -18.91 -21.99
CA ALA A 36 -0.98 -20.07 -22.50
C ALA A 36 -2.45 -19.85 -22.21
N PRO A 37 -3.39 -20.53 -22.93
CA PRO A 37 -4.79 -20.50 -22.56
C PRO A 37 -4.88 -20.80 -21.06
N ILE A 38 -5.78 -20.13 -20.36
CA ILE A 38 -6.01 -20.34 -18.91
C ILE A 38 -6.87 -21.60 -18.73
N GLU A 39 -6.46 -22.49 -17.85
CA GLU A 39 -7.14 -23.81 -17.62
C GLU A 39 -7.99 -23.82 -16.36
N HIS A 40 -7.72 -22.95 -15.38
CA HIS A 40 -8.32 -23.05 -14.01
C HIS A 40 -9.77 -22.57 -14.00
N MET A 41 -10.34 -22.18 -15.15
CA MET A 41 -11.73 -21.64 -15.23
C MET A 41 -12.17 -21.52 -16.70
N ASP A 42 -13.49 -21.52 -16.91
CA ASP A 42 -14.11 -21.45 -18.25
C ASP A 42 -14.25 -19.98 -18.67
N LEU A 43 -13.44 -19.56 -19.65
CA LEU A 43 -13.40 -18.15 -20.12
C LEU A 43 -14.13 -18.00 -21.46
N SER A 44 -15.05 -18.89 -21.84
CA SER A 44 -15.61 -18.84 -23.22
C SER A 44 -16.41 -17.54 -23.39
N ALA A 45 -16.99 -16.96 -22.34
CA ALA A 45 -17.77 -15.69 -22.45
C ALA A 45 -16.85 -14.45 -22.34
N TYR A 46 -15.54 -14.64 -22.15
CA TYR A 46 -14.52 -13.56 -21.99
C TYR A 46 -13.88 -13.29 -23.34
N SER A 47 -13.48 -12.05 -23.60
CA SER A 47 -12.82 -11.66 -24.88
C SER A 47 -11.33 -11.99 -24.83
N THR A 48 -10.78 -12.33 -23.64
CA THR A 48 -9.39 -12.83 -23.41
C THR A 48 -9.42 -14.10 -22.57
N ARG A 49 -8.74 -15.15 -23.02
CA ARG A 49 -8.90 -16.52 -22.46
C ARG A 49 -7.53 -17.11 -22.15
N PHE A 50 -6.49 -16.29 -22.14
CA PHE A 50 -5.11 -16.72 -21.87
C PHE A 50 -4.42 -15.69 -20.96
N GLY A 51 -3.25 -16.09 -20.47
CA GLY A 51 -2.31 -15.25 -19.74
C GLY A 51 -1.18 -16.06 -19.14
N GLY A 52 -0.43 -15.43 -18.22
CA GLY A 52 0.78 -16.01 -17.63
C GLY A 52 0.49 -16.60 -16.27
N SER A 53 0.09 -17.86 -16.25
CA SER A 53 -0.26 -18.59 -15.01
C SER A 53 1.04 -19.11 -14.43
N VAL A 54 1.08 -19.29 -13.12
CA VAL A 54 2.16 -20.06 -12.46
C VAL A 54 1.73 -21.53 -12.58
N LYS A 55 2.57 -22.38 -13.14
CA LYS A 55 2.21 -23.78 -13.48
C LYS A 55 2.88 -24.68 -12.45
N GLY A 56 2.11 -25.56 -11.80
CA GLY A 56 2.65 -26.61 -10.91
C GLY A 56 3.12 -26.04 -9.57
N PHE A 57 2.53 -24.94 -9.13
CA PHE A 57 2.93 -24.37 -7.82
C PHE A 57 2.49 -25.33 -6.72
N ASN A 58 3.43 -25.75 -5.88
CA ASN A 58 3.11 -26.57 -4.69
C ASN A 58 3.36 -25.74 -3.44
N VAL A 59 2.29 -25.20 -2.86
CA VAL A 59 2.35 -24.39 -1.63
C VAL A 59 2.89 -25.24 -0.47
N GLU A 60 2.74 -26.56 -0.53
CA GLU A 60 3.24 -27.52 0.49
C GLU A 60 4.77 -27.51 0.57
N GLU A 61 5.46 -26.82 -0.33
CA GLU A 61 6.92 -26.63 -0.23
C GLU A 61 7.21 -25.54 0.81
N TYR A 62 6.20 -24.82 1.28
CA TYR A 62 6.36 -23.55 2.03
C TYR A 62 5.50 -23.56 3.28
N LEU A 63 4.28 -24.06 3.15
CA LEU A 63 3.21 -23.93 4.16
C LEU A 63 2.45 -25.24 4.29
N SER A 64 1.90 -25.50 5.47
CA SER A 64 0.90 -26.57 5.69
C SER A 64 -0.31 -26.33 4.79
N ALA A 65 -0.88 -27.37 4.19
CA ALA A 65 -2.14 -27.28 3.43
C ALA A 65 -3.21 -26.59 4.29
N LYS A 66 -3.11 -26.63 5.63
CA LYS A 66 -4.16 -26.07 6.52
C LYS A 66 -4.10 -24.53 6.63
N GLU A 67 -2.91 -23.95 6.51
N GLU A 67 -2.89 -23.98 6.52
CA GLU A 67 -2.74 -22.47 6.41
CA GLU A 67 -2.65 -22.52 6.39
C GLU A 67 -3.02 -22.06 4.97
C GLU A 67 -3.04 -22.09 4.98
N ALA A 68 -2.48 -22.79 3.99
CA ALA A 68 -2.66 -22.49 2.55
C ALA A 68 -4.13 -22.24 2.21
N ARG A 69 -5.01 -23.17 2.64
N ARG A 69 -5.01 -23.15 2.67
CA ARG A 69 -6.46 -23.15 2.34
CA ARG A 69 -6.46 -23.15 2.31
C ARG A 69 -7.05 -21.78 2.68
C ARG A 69 -7.10 -21.82 2.73
N LYS A 70 -6.58 -21.15 3.77
CA LYS A 70 -7.16 -19.85 4.26
C LYS A 70 -6.61 -18.64 3.49
N LEU A 71 -5.61 -18.80 2.62
CA LEU A 71 -4.91 -17.62 2.02
C LEU A 71 -5.19 -17.52 0.54
N ASP A 72 -5.42 -16.31 0.05
CA ASP A 72 -5.50 -16.05 -1.40
C ASP A 72 -4.18 -16.44 -2.07
N LEU A 73 -4.23 -16.92 -3.32
CA LEU A 73 -3.02 -17.27 -4.08
C LEU A 73 -1.99 -16.13 -4.07
N PHE A 74 -2.42 -14.86 -4.13
CA PHE A 74 -1.44 -13.72 -4.17
C PHE A 74 -0.63 -13.75 -2.86
N ILE A 75 -1.26 -14.12 -1.75
CA ILE A 75 -0.52 -14.20 -0.47
C ILE A 75 0.39 -15.42 -0.54
N GLN A 76 -0.14 -16.55 -1.01
CA GLN A 76 0.65 -17.80 -1.15
C GLN A 76 1.87 -17.48 -2.02
N TYR A 77 1.69 -16.78 -3.14
CA TYR A 77 2.80 -16.50 -4.10
C TYR A 77 3.80 -15.54 -3.43
N GLY A 78 3.31 -14.53 -2.70
CA GLY A 78 4.16 -13.59 -1.96
C GLY A 78 5.07 -14.27 -0.95
N LEU A 79 4.50 -15.15 -0.13
CA LEU A 79 5.24 -15.92 0.89
C LEU A 79 6.25 -16.82 0.18
N ALA A 80 5.90 -17.47 -0.95
CA ALA A 80 6.83 -18.46 -1.55
C ALA A 80 8.09 -17.71 -2.01
N ALA A 81 7.89 -16.65 -2.76
CA ALA A 81 9.02 -15.80 -3.24
C ALA A 81 9.77 -15.21 -2.04
N SER A 82 9.07 -14.81 -0.97
CA SER A 82 9.71 -14.23 0.25
C SER A 82 10.61 -15.29 0.93
N PHE A 83 10.10 -16.50 1.11
CA PHE A 83 10.82 -17.63 1.74
C PHE A 83 12.05 -17.95 0.91
N GLN A 84 11.93 -17.94 -0.42
CA GLN A 84 13.06 -18.21 -1.34
C GLN A 84 14.13 -17.16 -1.09
N ALA A 85 13.74 -15.90 -1.03
CA ALA A 85 14.66 -14.75 -1.01
C ALA A 85 15.48 -14.83 0.29
N VAL A 86 14.80 -15.05 1.40
CA VAL A 86 15.48 -15.16 2.73
C VAL A 86 16.47 -16.33 2.78
N ARG A 87 16.05 -17.52 2.32
N ARG A 87 16.05 -17.51 2.30
CA ARG A 87 16.94 -18.70 2.23
CA ARG A 87 16.93 -18.71 2.21
C ARG A 87 18.13 -18.37 1.32
C ARG A 87 18.12 -18.40 1.30
N ASP A 88 17.87 -17.77 0.15
CA ASP A 88 18.94 -17.38 -0.81
C ASP A 88 19.90 -16.37 -0.14
N SER A 89 19.43 -15.55 0.81
CA SER A 89 20.27 -14.54 1.51
C SER A 89 21.24 -15.23 2.50
N GLY A 90 20.92 -16.42 3.03
CA GLY A 90 21.69 -17.09 4.12
C GLY A 90 21.53 -16.34 5.44
N LEU A 91 20.63 -15.36 5.51
CA LEU A 91 20.50 -14.54 6.72
C LEU A 91 19.80 -15.38 7.79
N GLU A 92 20.31 -15.32 9.03
CA GLU A 92 19.72 -15.99 10.21
C GLU A 92 19.05 -14.90 11.04
N VAL A 93 17.78 -15.09 11.32
CA VAL A 93 17.01 -14.18 12.21
C VAL A 93 17.36 -14.56 13.64
N THR A 94 17.61 -13.60 14.52
CA THR A 94 17.97 -13.80 15.96
C THR A 94 17.32 -12.71 16.81
N ASP A 95 17.37 -12.86 18.13
CA ASP A 95 16.88 -11.79 19.04
C ASP A 95 17.67 -10.51 18.83
N ALA A 96 18.93 -10.61 18.43
CA ALA A 96 19.85 -9.47 18.25
C ALA A 96 19.46 -8.64 17.03
N ASN A 97 18.81 -9.22 16.03
CA ASN A 97 18.57 -8.53 14.73
C ASN A 97 17.10 -8.57 14.29
N ARG A 98 16.20 -9.26 14.99
CA ARG A 98 14.81 -9.41 14.47
C ARG A 98 14.13 -8.03 14.48
N GLU A 99 14.54 -7.10 15.34
CA GLU A 99 13.85 -5.79 15.36
C GLU A 99 14.32 -4.94 14.16
N ARG A 100 15.37 -5.39 13.47
CA ARG A 100 16.13 -4.66 12.43
C ARG A 100 15.84 -5.25 11.05
N ILE A 101 14.94 -6.24 11.01
CA ILE A 101 14.50 -6.91 9.74
C ILE A 101 13.00 -6.67 9.56
N GLY A 102 12.61 -6.03 8.46
CA GLY A 102 11.19 -5.79 8.19
C GLY A 102 10.81 -6.32 6.83
N VAL A 103 9.59 -6.01 6.39
CA VAL A 103 9.02 -6.56 5.12
C VAL A 103 8.08 -5.52 4.48
N SER A 104 8.23 -5.35 3.18
CA SER A 104 7.33 -4.52 2.35
C SER A 104 7.02 -5.31 1.08
N MET A 105 5.98 -6.13 1.15
CA MET A 105 5.50 -6.88 -0.04
C MET A 105 4.12 -6.34 -0.37
N GLY A 106 3.98 -5.93 -1.63
CA GLY A 106 2.83 -5.23 -2.18
C GLY A 106 2.04 -6.09 -3.14
N SER A 107 0.86 -5.59 -3.48
CA SER A 107 -0.02 -6.14 -4.54
C SER A 107 -0.83 -4.97 -5.15
N GLY A 108 -1.13 -5.05 -6.43
CA GLY A 108 -1.95 -4.02 -7.11
C GLY A 108 -3.40 -4.14 -6.70
N ILE A 109 -3.90 -5.39 -6.66
CA ILE A 109 -5.35 -5.72 -6.52
C ILE A 109 -5.57 -6.59 -5.28
N GLY A 110 -4.63 -7.49 -4.95
CA GLY A 110 -4.78 -8.36 -3.77
C GLY A 110 -5.69 -9.51 -4.06
N GLY A 111 -6.55 -9.86 -3.11
CA GLY A 111 -7.20 -11.19 -3.06
C GLY A 111 -8.53 -11.17 -3.80
N LEU A 112 -8.50 -10.82 -5.08
CA LEU A 112 -9.72 -10.65 -5.92
C LEU A 112 -10.39 -12.01 -6.07
N THR A 113 -9.60 -13.08 -6.29
CA THR A 113 -10.12 -14.47 -6.37
C THR A 113 -10.94 -14.75 -5.10
N ASN A 114 -10.29 -14.61 -3.94
CA ASN A 114 -10.94 -14.83 -2.64
C ASN A 114 -12.22 -14.00 -2.55
N ILE A 115 -12.15 -12.71 -2.90
CA ILE A 115 -13.27 -11.78 -2.57
C ILE A 115 -14.45 -12.13 -3.49
N GLU A 116 -14.15 -12.52 -4.73
CA GLU A 116 -15.14 -12.97 -5.74
C GLU A 116 -15.84 -14.22 -5.20
N ASN A 117 -15.08 -15.26 -4.82
CA ASN A 117 -15.69 -16.53 -4.31
C ASN A 117 -16.56 -16.28 -3.07
N ASN A 118 -16.13 -15.42 -2.17
CA ASN A 118 -16.94 -15.07 -0.98
C ASN A 118 -18.12 -14.23 -1.41
N CYS A 119 -17.98 -13.43 -2.47
CA CYS A 119 -19.13 -12.68 -3.02
C CYS A 119 -20.19 -13.63 -3.58
N ARG A 120 -19.76 -14.67 -4.30
CA ARG A 120 -20.60 -15.76 -4.85
C ARG A 120 -21.34 -16.45 -3.69
N SER A 121 -20.61 -16.89 -2.66
CA SER A 121 -21.20 -17.50 -1.44
C SER A 121 -22.26 -16.57 -0.85
N LEU A 122 -21.93 -15.29 -0.69
CA LEU A 122 -22.86 -14.29 -0.13
C LEU A 122 -24.11 -14.20 -1.01
N PHE A 123 -23.97 -14.16 -2.33
CA PHE A 123 -25.12 -13.88 -3.23
C PHE A 123 -25.96 -15.15 -3.38
N GLU A 124 -25.34 -16.32 -3.49
CA GLU A 124 -26.05 -17.58 -3.79
C GLU A 124 -26.61 -18.12 -2.47
N GLN A 125 -25.93 -17.93 -1.33
CA GLN A 125 -26.27 -18.69 -0.10
C GLN A 125 -26.58 -17.81 1.11
N GLY A 126 -25.99 -16.63 1.24
CA GLY A 126 -26.21 -15.78 2.42
C GLY A 126 -24.90 -15.44 3.10
N PRO A 127 -24.90 -14.44 4.03
CA PRO A 127 -23.68 -14.02 4.70
C PRO A 127 -23.05 -15.13 5.54
N ARG A 128 -23.84 -16.13 5.97
CA ARG A 128 -23.36 -17.18 6.91
C ARG A 128 -22.37 -18.09 6.18
N ARG A 129 -22.28 -18.02 4.85
CA ARG A 129 -21.35 -18.87 4.09
C ARG A 129 -20.06 -18.12 3.76
N ILE A 130 -19.86 -16.89 4.27
CA ILE A 130 -18.58 -16.14 4.06
C ILE A 130 -17.55 -16.74 5.02
N SER A 131 -16.36 -17.09 4.52
CA SER A 131 -15.24 -17.66 5.31
C SER A 131 -14.89 -16.71 6.44
N PRO A 132 -14.65 -17.23 7.66
CA PRO A 132 -14.10 -16.41 8.74
C PRO A 132 -12.72 -15.85 8.39
N PHE A 133 -12.05 -16.46 7.40
CA PHE A 133 -10.68 -16.06 6.99
C PHE A 133 -10.74 -15.01 5.85
N PHE A 134 -11.93 -14.63 5.39
CA PHE A 134 -12.15 -13.62 4.32
C PHE A 134 -11.16 -12.45 4.43
N VAL A 135 -11.14 -11.78 5.58
CA VAL A 135 -10.35 -10.52 5.76
C VAL A 135 -8.88 -10.85 5.84
N PRO A 136 -8.37 -11.60 6.85
CA PRO A 136 -6.95 -11.88 6.93
C PRO A 136 -6.42 -12.67 5.71
N GLY A 137 -7.31 -13.35 5.00
CA GLY A 137 -6.87 -14.17 3.86
C GLY A 137 -6.87 -13.42 2.54
N SER A 138 -7.33 -12.17 2.48
CA SER A 138 -7.58 -11.43 1.20
C SER A 138 -6.86 -10.06 1.18
N ILE A 139 -6.62 -9.42 2.33
CA ILE A 139 -6.15 -8.00 2.33
C ILE A 139 -4.65 -7.91 2.11
N ILE A 140 -4.21 -6.82 1.49
CA ILE A 140 -2.92 -6.78 0.75
C ILE A 140 -1.75 -6.85 1.72
N ASN A 141 -1.92 -6.35 2.95
CA ASN A 141 -0.84 -6.24 3.96
C ASN A 141 -0.50 -7.60 4.58
N MET A 142 -1.18 -8.69 4.20
CA MET A 142 -1.02 -9.98 4.92
C MET A 142 0.11 -10.82 4.32
N VAL A 143 0.69 -10.41 3.19
CA VAL A 143 2.00 -11.02 2.78
C VAL A 143 3.05 -10.62 3.83
N SER A 144 3.14 -9.32 4.10
CA SER A 144 4.08 -8.74 5.10
C SER A 144 3.71 -9.29 6.48
N GLY A 145 2.41 -9.40 6.73
CA GLY A 145 1.97 -9.86 8.05
C GLY A 145 2.42 -11.28 8.28
N PHE A 146 2.11 -12.17 7.34
CA PHE A 146 2.29 -13.63 7.54
C PHE A 146 3.80 -13.88 7.49
N LEU A 147 4.52 -13.13 6.67
CA LEU A 147 5.98 -13.36 6.55
C LEU A 147 6.61 -13.09 7.91
N SER A 148 6.25 -11.97 8.53
N SER A 148 6.25 -11.96 8.52
CA SER A 148 6.80 -11.58 9.85
CA SER A 148 6.72 -11.52 9.86
C SER A 148 6.45 -12.64 10.90
C SER A 148 6.44 -12.62 10.90
N ILE A 149 5.23 -13.17 10.86
CA ILE A 149 4.73 -14.20 11.83
C ILE A 149 5.57 -15.49 11.72
N HIS A 150 5.80 -15.99 10.49
CA HIS A 150 6.56 -17.24 10.22
C HIS A 150 8.05 -17.07 10.52
N LEU A 151 8.65 -15.91 10.18
CA LEU A 151 10.12 -15.73 10.32
C LEU A 151 10.49 -14.98 11.60
N GLY A 152 9.52 -14.34 12.27
CA GLY A 152 9.79 -13.52 13.47
C GLY A 152 10.47 -12.20 13.15
N LEU A 153 10.04 -11.52 12.07
CA LEU A 153 10.52 -10.18 11.65
C LEU A 153 9.76 -9.10 12.42
N GLN A 154 10.47 -8.27 13.19
CA GLN A 154 9.82 -7.28 14.06
C GLN A 154 10.13 -5.86 13.55
N GLY A 155 10.90 -5.75 12.46
CA GLY A 155 11.19 -4.47 11.77
C GLY A 155 9.95 -3.80 11.17
N PRO A 156 10.12 -2.65 10.49
CA PRO A 156 9.02 -2.02 9.74
C PRO A 156 8.23 -3.04 8.91
N ASN A 157 6.92 -3.05 9.09
CA ASN A 157 5.99 -4.05 8.48
C ASN A 157 4.89 -3.28 7.75
N TYR A 158 4.91 -3.31 6.41
CA TYR A 158 3.94 -2.55 5.60
C TYR A 158 3.77 -3.11 4.19
N ALA A 159 2.87 -2.50 3.45
CA ALA A 159 2.55 -2.90 2.08
C ALA A 159 2.18 -1.65 1.29
N LEU A 160 2.70 -1.57 0.08
CA LEU A 160 2.33 -0.58 -0.96
C LEU A 160 1.28 -1.20 -1.87
N THR A 161 0.42 -0.36 -2.41
CA THR A 161 -0.50 -0.72 -3.51
C THR A 161 -0.52 0.46 -4.45
N THR A 162 0.32 0.43 -5.50
CA THR A 162 0.42 1.51 -6.51
C THR A 162 0.26 0.87 -7.88
N ALA A 163 -0.74 -0.01 -7.99
CA ALA A 163 -1.10 -0.71 -9.23
C ALA A 163 0.14 -1.34 -9.86
N GLN A 164 0.41 -1.04 -11.13
CA GLN A 164 1.46 -1.72 -11.93
C GLN A 164 2.86 -1.26 -11.47
N THR A 165 2.94 -0.29 -10.58
CA THR A 165 4.23 0.25 -10.09
C THR A 165 4.59 -0.37 -8.75
N THR A 166 3.69 -1.15 -8.18
CA THR A 166 3.82 -1.64 -6.78
C THR A 166 5.19 -2.25 -6.46
N GLY A 167 5.69 -3.19 -7.26
CA GLY A 167 6.93 -3.91 -6.91
C GLY A 167 8.13 -2.97 -6.89
N THR A 168 8.14 -2.00 -7.78
CA THR A 168 9.28 -1.07 -7.95
C THR A 168 9.33 -0.16 -6.72
N HIS A 169 8.19 0.46 -6.40
CA HIS A 169 7.97 1.33 -5.21
C HIS A 169 8.30 0.55 -3.92
N SER A 170 7.81 -0.68 -3.81
CA SER A 170 8.00 -1.52 -2.61
C SER A 170 9.49 -1.65 -2.38
N ILE A 171 10.21 -1.98 -3.46
CA ILE A 171 11.67 -2.21 -3.37
C ILE A 171 12.39 -0.90 -3.02
N GLY A 172 12.06 0.20 -3.70
CA GLY A 172 12.69 1.51 -3.52
C GLY A 172 12.52 2.09 -2.13
N MET A 173 11.27 2.05 -1.62
N MET A 173 11.29 2.01 -1.59
CA MET A 173 10.93 2.58 -0.28
CA MET A 173 10.98 2.59 -0.26
C MET A 173 11.61 1.71 0.80
C MET A 173 11.53 1.69 0.86
N ALA A 174 11.63 0.38 0.62
CA ALA A 174 12.38 -0.55 1.51
C ALA A 174 13.88 -0.16 1.54
N ALA A 175 14.49 0.18 0.40
CA ALA A 175 15.90 0.64 0.35
C ALA A 175 16.06 1.92 1.16
N ARG A 176 15.11 2.84 1.05
CA ARG A 176 15.08 4.10 1.82
C ARG A 176 15.03 3.79 3.32
N ASN A 177 14.20 2.86 3.76
CA ASN A 177 14.13 2.41 5.18
C ASN A 177 15.55 2.11 5.66
N ILE A 178 16.29 1.35 4.87
CA ILE A 178 17.64 0.85 5.23
C ILE A 178 18.62 2.03 5.14
N ALA A 179 18.59 2.73 4.01
CA ALA A 179 19.35 3.97 3.75
C ALA A 179 19.31 4.87 4.99
N TYR A 180 18.13 5.11 5.56
CA TYR A 180 17.88 6.14 6.60
C TYR A 180 17.94 5.53 8.01
N GLY A 181 18.32 4.26 8.15
CA GLY A 181 18.61 3.66 9.47
C GLY A 181 17.36 3.11 10.14
N GLU A 182 16.19 3.13 9.50
CA GLU A 182 14.94 2.59 10.11
C GLU A 182 15.02 1.05 10.19
N ALA A 183 15.88 0.41 9.38
CA ALA A 183 16.06 -1.06 9.34
C ALA A 183 17.44 -1.36 8.77
N ASP A 184 18.00 -2.53 9.06
CA ASP A 184 19.24 -3.00 8.40
C ASP A 184 18.89 -3.99 7.30
N VAL A 185 17.73 -4.65 7.39
CA VAL A 185 17.36 -5.68 6.37
C VAL A 185 15.89 -5.51 6.03
N MET A 186 15.54 -5.63 4.75
CA MET A 186 14.12 -5.56 4.34
C MET A 186 13.85 -6.63 3.29
N VAL A 187 12.76 -7.36 3.47
CA VAL A 187 12.26 -8.28 2.41
C VAL A 187 11.21 -7.48 1.63
N ALA A 188 11.44 -7.25 0.35
CA ALA A 188 10.60 -6.31 -0.43
C ALA A 188 10.37 -6.85 -1.84
N GLY A 189 9.19 -6.58 -2.37
CA GLY A 189 8.75 -6.92 -3.73
C GLY A 189 7.24 -6.88 -3.80
N GLY A 190 6.65 -7.76 -4.57
CA GLY A 190 5.19 -7.76 -4.71
C GLY A 190 4.68 -9.07 -5.25
N SER A 191 3.37 -9.22 -5.21
CA SER A 191 2.69 -10.46 -5.67
C SER A 191 1.31 -10.13 -6.22
N GLU A 192 0.89 -10.97 -7.14
CA GLU A 192 -0.35 -10.74 -7.87
C GLU A 192 -0.92 -12.05 -8.38
N MET A 193 -2.22 -12.22 -8.22
N MET A 193 -2.24 -12.20 -8.24
CA MET A 193 -3.04 -13.27 -8.90
CA MET A 193 -3.07 -13.27 -8.84
C MET A 193 -4.42 -12.67 -9.13
C MET A 193 -4.45 -12.65 -9.12
N ALA A 194 -4.58 -11.94 -10.24
CA ALA A 194 -5.83 -11.24 -10.60
C ALA A 194 -6.55 -11.96 -11.73
N ALA A 195 -6.15 -13.20 -12.07
CA ALA A 195 -6.79 -14.01 -13.13
C ALA A 195 -8.02 -14.73 -12.57
N CYS A 196 -9.03 -13.97 -12.17
CA CYS A 196 -10.40 -14.44 -11.84
C CYS A 196 -11.34 -13.82 -12.86
N GLY A 197 -12.64 -14.10 -12.75
CA GLY A 197 -13.68 -13.51 -13.60
C GLY A 197 -13.59 -11.99 -13.60
N LEU A 198 -13.55 -11.39 -12.40
CA LEU A 198 -13.55 -9.93 -12.19
C LEU A 198 -12.27 -9.31 -12.75
N GLY A 199 -11.14 -9.99 -12.67
CA GLY A 199 -9.86 -9.50 -13.21
C GLY A 199 -9.85 -9.50 -14.73
N LEU A 200 -10.12 -10.65 -15.33
CA LEU A 200 -10.08 -10.78 -16.80
C LEU A 200 -11.24 -10.00 -17.37
N GLY A 201 -12.41 -10.10 -16.74
CA GLY A 201 -13.61 -9.32 -17.08
C GLY A 201 -13.36 -7.83 -16.95
N GLY A 202 -12.74 -7.37 -15.85
CA GLY A 202 -12.67 -5.92 -15.57
C GLY A 202 -11.67 -5.28 -16.52
N PHE A 203 -10.54 -5.94 -16.72
CA PHE A 203 -9.53 -5.48 -17.71
C PHE A 203 -10.08 -5.62 -19.14
N GLY A 204 -10.87 -6.66 -19.41
CA GLY A 204 -11.54 -6.84 -20.70
C GLY A 204 -12.61 -5.77 -20.98
N ALA A 205 -13.40 -5.36 -20.00
CA ALA A 205 -14.45 -4.35 -20.18
C ALA A 205 -13.80 -3.07 -20.69
N ALA A 206 -12.56 -2.79 -20.25
CA ALA A 206 -11.81 -1.55 -20.58
C ALA A 206 -11.01 -1.79 -21.86
N ARG A 207 -11.07 -3.01 -22.39
CA ARG A 207 -10.46 -3.40 -23.68
C ARG A 207 -8.94 -3.15 -23.63
N ALA A 208 -8.33 -3.31 -22.44
CA ALA A 208 -6.89 -3.10 -22.15
C ALA A 208 -6.06 -4.35 -22.47
N LEU A 209 -6.67 -5.53 -22.55
CA LEU A 209 -5.96 -6.83 -22.76
C LEU A 209 -5.80 -7.15 -24.27
N SER A 210 -4.69 -7.76 -24.67
CA SER A 210 -4.56 -8.44 -25.97
C SER A 210 -5.70 -9.45 -26.09
N THR A 211 -6.31 -9.57 -27.28
CA THR A 211 -7.38 -10.56 -27.51
C THR A 211 -6.86 -11.61 -28.51
N ARG A 212 -5.55 -11.84 -28.55
CA ARG A 212 -4.94 -12.82 -29.49
C ARG A 212 -5.13 -14.24 -28.94
N ASN A 213 -6.38 -14.62 -28.69
CA ASN A 213 -6.71 -15.91 -28.05
C ASN A 213 -6.11 -17.05 -28.89
N ASP A 214 -5.95 -16.86 -30.20
CA ASP A 214 -5.56 -17.98 -31.10
C ASP A 214 -4.04 -18.07 -31.23
N GLU A 215 -3.27 -17.18 -30.62
CA GLU A 215 -1.79 -17.32 -30.60
C GLU A 215 -1.26 -16.65 -29.33
N PRO A 216 -1.53 -17.22 -28.15
CA PRO A 216 -1.20 -16.53 -26.89
C PRO A 216 0.30 -16.21 -26.71
N THR A 217 1.21 -17.03 -27.24
CA THR A 217 2.66 -16.82 -27.00
C THR A 217 3.10 -15.59 -27.79
N ARG A 218 2.36 -15.19 -28.82
CA ARG A 218 2.74 -14.03 -29.69
C ARG A 218 1.95 -12.77 -29.29
N ALA A 219 1.10 -12.81 -28.25
CA ALA A 219 0.20 -11.70 -27.85
C ALA A 219 0.98 -10.50 -27.30
N SER A 220 1.90 -10.76 -26.37
CA SER A 220 2.73 -9.72 -25.70
C SER A 220 3.87 -9.38 -26.66
N ARG A 221 3.83 -8.21 -27.29
CA ARG A 221 4.74 -7.85 -28.41
C ARG A 221 5.06 -6.37 -28.28
N PRO A 222 5.76 -6.01 -27.18
CA PRO A 222 6.08 -4.62 -26.88
C PRO A 222 6.80 -3.94 -28.05
N TRP A 223 6.35 -2.74 -28.43
CA TRP A 223 6.95 -1.88 -29.49
C TRP A 223 6.66 -2.47 -30.87
N ASP A 224 6.01 -3.65 -30.95
CA ASP A 224 5.63 -4.22 -32.26
C ASP A 224 4.42 -3.46 -32.80
N ARG A 225 4.35 -3.22 -34.12
CA ARG A 225 3.20 -2.44 -34.69
C ARG A 225 1.90 -3.24 -34.59
N ASP A 226 1.93 -4.57 -34.38
CA ASP A 226 0.69 -5.38 -34.25
C ASP A 226 0.29 -5.61 -32.77
N ARG A 227 0.90 -4.93 -31.80
CA ARG A 227 0.49 -5.04 -30.36
C ARG A 227 -0.94 -4.54 -30.15
N ASP A 228 -1.66 -5.11 -29.18
CA ASP A 228 -3.12 -4.85 -29.01
C ASP A 228 -3.54 -4.91 -27.54
N GLY A 229 -2.62 -4.61 -26.62
CA GLY A 229 -2.87 -4.58 -25.18
C GLY A 229 -1.98 -5.55 -24.40
N PHE A 230 -2.07 -5.49 -23.08
CA PHE A 230 -1.14 -6.28 -22.25
C PHE A 230 -1.74 -7.67 -22.06
N VAL A 231 -0.89 -8.58 -21.58
CA VAL A 231 -1.24 -9.97 -21.22
C VAL A 231 -1.16 -10.05 -19.69
N LEU A 232 -2.25 -10.47 -19.05
CA LEU A 232 -2.37 -10.58 -17.57
C LEU A 232 -1.63 -11.84 -17.11
N SER A 233 -0.74 -11.66 -16.15
CA SER A 233 0.12 -12.75 -15.64
C SER A 233 0.14 -12.67 -14.11
N ASP A 234 0.54 -13.79 -13.51
CA ASP A 234 0.49 -14.05 -12.07
C ASP A 234 1.90 -14.31 -11.54
N GLY A 235 2.10 -14.08 -10.26
CA GLY A 235 3.33 -14.52 -9.59
C GLY A 235 3.77 -13.50 -8.58
N SER A 236 5.07 -13.47 -8.33
N SER A 236 5.06 -13.52 -8.28
CA SER A 236 5.69 -12.83 -7.16
CA SER A 236 5.67 -12.75 -7.16
C SER A 236 7.20 -12.67 -7.37
C SER A 236 7.18 -12.66 -7.34
N GLY A 237 7.77 -11.60 -6.79
CA GLY A 237 9.22 -11.39 -6.71
C GLY A 237 9.50 -10.82 -5.34
N ALA A 238 10.54 -11.31 -4.68
CA ALA A 238 11.01 -10.83 -3.37
C ALA A 238 12.54 -10.72 -3.44
N LEU A 239 13.06 -9.65 -2.88
CA LEU A 239 14.51 -9.44 -2.71
C LEU A 239 14.75 -9.18 -1.23
N VAL A 240 15.90 -9.64 -0.77
CA VAL A 240 16.46 -9.21 0.53
C VAL A 240 17.40 -8.03 0.25
N LEU A 241 16.98 -6.87 0.74
CA LEU A 241 17.77 -5.61 0.73
C LEU A 241 18.45 -5.57 2.09
N GLU A 242 19.70 -5.14 2.09
CA GLU A 242 20.55 -5.21 3.30
C GLU A 242 21.52 -4.05 3.30
N GLU A 243 21.69 -3.40 4.44
CA GLU A 243 22.73 -2.37 4.59
C GLU A 243 24.08 -3.00 4.24
N LEU A 244 24.89 -2.31 3.42
CA LEU A 244 26.18 -2.81 2.86
C LEU A 244 27.09 -3.35 3.98
N GLU A 245 27.32 -2.57 5.02
CA GLU A 245 28.31 -2.92 6.08
C GLU A 245 27.77 -4.13 6.84
N HIS A 246 26.45 -4.20 7.05
CA HIS A 246 25.78 -5.37 7.67
C HIS A 246 26.00 -6.60 6.79
N ALA A 247 25.89 -6.43 5.47
CA ALA A 247 26.11 -7.56 4.54
C ALA A 247 27.58 -7.96 4.60
N ARG A 248 28.48 -6.98 4.67
CA ARG A 248 29.94 -7.25 4.62
C ARG A 248 30.33 -8.03 5.87
N ALA A 249 29.83 -7.58 7.01
CA ALA A 249 30.13 -8.09 8.36
C ALA A 249 29.85 -9.60 8.41
N ARG A 250 28.82 -10.07 7.71
CA ARG A 250 28.37 -11.48 7.81
C ARG A 250 28.86 -12.30 6.59
N GLY A 251 29.76 -11.78 5.76
CA GLY A 251 30.22 -12.43 4.52
C GLY A 251 29.07 -12.75 3.57
N ALA A 252 28.04 -11.92 3.49
CA ALA A 252 26.88 -12.19 2.60
C ALA A 252 27.41 -12.22 1.17
N ARG A 253 26.86 -13.07 0.33
CA ARG A 253 27.05 -12.95 -1.13
C ARG A 253 26.21 -11.77 -1.63
N ILE A 254 26.83 -10.82 -2.33
CA ILE A 254 26.14 -9.58 -2.76
C ILE A 254 25.90 -9.66 -4.27
N TYR A 255 24.67 -9.64 -4.75
CA TYR A 255 24.39 -9.74 -6.20
C TYR A 255 24.67 -8.40 -6.88
N ALA A 256 24.26 -7.30 -6.26
CA ALA A 256 24.38 -5.96 -6.84
C ALA A 256 24.02 -4.93 -5.78
N GLU A 257 24.32 -3.67 -6.11
CA GLU A 257 24.00 -2.54 -5.23
C GLU A 257 22.82 -1.79 -5.83
N LEU A 258 21.83 -1.47 -4.99
N LEU A 258 21.85 -1.44 -4.99
CA LEU A 258 20.72 -0.55 -5.35
CA LEU A 258 20.71 -0.55 -5.32
C LEU A 258 21.19 0.88 -5.05
C LEU A 258 21.16 0.89 -5.05
N VAL A 259 21.56 1.62 -6.10
CA VAL A 259 22.18 2.96 -5.98
C VAL A 259 21.15 4.09 -6.17
N GLY A 260 19.98 3.80 -6.73
CA GLY A 260 19.07 4.84 -7.24
C GLY A 260 17.61 4.43 -7.18
N PHE A 261 16.79 5.38 -6.77
CA PHE A 261 15.33 5.21 -6.68
C PHE A 261 14.66 6.54 -7.01
N GLY A 262 13.74 6.46 -7.99
CA GLY A 262 12.93 7.57 -8.46
C GLY A 262 11.45 7.27 -8.37
N MET A 263 10.71 8.28 -7.96
CA MET A 263 9.25 8.33 -8.12
C MET A 263 8.91 9.66 -8.79
N SER A 264 7.83 9.67 -9.57
CA SER A 264 7.11 10.90 -9.97
C SER A 264 5.66 10.51 -10.21
N GLY A 265 4.79 11.51 -10.24
CA GLY A 265 3.44 11.37 -10.79
C GLY A 265 3.34 12.13 -12.10
N ASP A 266 2.77 11.50 -13.11
CA ASP A 266 2.38 12.14 -14.39
C ASP A 266 1.45 13.33 -14.11
N ALA A 267 0.50 13.19 -13.18
CA ALA A 267 -0.62 14.13 -13.02
C ALA A 267 -1.35 14.30 -14.34
N PHE A 268 -1.41 13.27 -15.20
CA PHE A 268 -1.97 13.39 -16.57
C PHE A 268 -3.36 12.74 -16.66
N HIS A 269 -3.45 11.41 -16.56
CA HIS A 269 -4.68 10.60 -16.80
C HIS A 269 -4.77 9.40 -15.84
N MET A 270 -5.98 9.00 -15.44
CA MET A 270 -6.24 7.84 -14.55
C MET A 270 -5.52 6.59 -15.10
N THR A 271 -5.51 6.36 -16.42
CA THR A 271 -5.00 5.09 -17.01
C THR A 271 -4.03 5.28 -18.17
N ALA A 272 -4.06 6.41 -18.88
CA ALA A 272 -3.18 6.59 -20.06
C ALA A 272 -1.93 7.37 -19.66
N PRO A 273 -0.75 6.95 -20.14
CA PRO A 273 0.47 7.74 -19.94
C PRO A 273 0.47 8.88 -20.96
N PRO A 274 1.15 10.02 -20.72
CA PRO A 274 1.24 11.03 -21.78
C PRO A 274 2.11 10.49 -22.94
N GLU A 275 1.75 10.81 -24.18
CA GLU A 275 2.46 10.38 -25.42
C GLU A 275 3.99 10.62 -25.36
N ASP A 276 4.41 11.75 -24.79
CA ASP A 276 5.82 12.24 -24.76
C ASP A 276 6.65 11.55 -23.65
N GLY A 277 6.02 10.84 -22.71
CA GLY A 277 6.73 10.11 -21.64
C GLY A 277 7.31 11.01 -20.57
N ALA A 278 6.73 12.21 -20.37
CA ALA A 278 7.26 13.32 -19.53
C ALA A 278 7.38 12.88 -18.04
N GLY A 279 6.43 12.09 -17.54
CA GLY A 279 6.43 11.66 -16.12
C GLY A 279 7.48 10.59 -15.90
N ALA A 280 7.58 9.64 -16.82
CA ALA A 280 8.61 8.59 -16.83
C ALA A 280 10.02 9.22 -16.94
N ALA A 281 10.16 10.27 -17.75
CA ALA A 281 11.42 11.01 -17.91
C ALA A 281 11.77 11.70 -16.58
N ARG A 282 10.80 12.32 -15.90
CA ARG A 282 11.04 13.00 -14.59
C ARG A 282 11.53 11.95 -13.60
N CYS A 283 10.84 10.83 -13.53
CA CYS A 283 11.13 9.69 -12.62
C CYS A 283 12.56 9.16 -12.85
N MET A 284 12.94 8.87 -14.10
CA MET A 284 14.29 8.34 -14.42
C MET A 284 15.35 9.37 -14.05
N LYS A 285 15.12 10.64 -14.34
CA LYS A 285 16.08 11.72 -14.01
C LYS A 285 16.27 11.80 -12.49
N ASN A 286 15.19 11.69 -11.71
CA ASN A 286 15.23 11.67 -10.22
C ASN A 286 16.10 10.49 -9.78
N ALA A 287 15.87 9.31 -10.38
CA ALA A 287 16.59 8.07 -10.01
C ALA A 287 18.09 8.20 -10.37
N LEU A 288 18.41 8.78 -11.53
CA LEU A 288 19.80 8.88 -12.00
C LEU A 288 20.52 9.91 -11.10
N ARG A 289 19.86 11.01 -10.73
CA ARG A 289 20.47 12.02 -9.83
C ARG A 289 20.65 11.40 -8.43
N ASP A 290 19.67 10.62 -7.96
CA ASP A 290 19.69 9.86 -6.68
C ASP A 290 20.93 8.95 -6.67
N ALA A 291 21.27 8.34 -7.80
CA ALA A 291 22.42 7.42 -7.96
C ALA A 291 23.75 8.18 -8.23
N GLY A 292 23.74 9.51 -8.37
CA GLY A 292 24.96 10.28 -8.62
C GLY A 292 25.60 9.84 -9.92
N LEU A 293 24.80 9.50 -10.94
CA LEU A 293 25.32 9.00 -12.24
C LEU A 293 25.26 10.06 -13.35
N ASP A 294 26.24 9.96 -14.25
CA ASP A 294 26.13 10.43 -15.65
C ASP A 294 25.14 9.50 -16.35
N PRO A 295 24.08 9.99 -17.04
CA PRO A 295 23.15 9.11 -17.75
C PRO A 295 23.86 8.22 -18.78
N ARG A 296 25.05 8.62 -19.25
CA ARG A 296 25.78 7.76 -20.21
C ARG A 296 26.27 6.46 -19.54
N GLN A 297 26.29 6.37 -18.21
CA GLN A 297 26.72 5.12 -17.52
C GLN A 297 25.68 4.01 -17.70
N VAL A 298 24.44 4.37 -18.06
CA VAL A 298 23.34 3.36 -18.14
C VAL A 298 23.54 2.49 -19.37
N ASP A 299 23.66 1.17 -19.13
CA ASP A 299 23.95 0.10 -20.12
C ASP A 299 22.66 -0.64 -20.49
N TYR A 300 21.78 -0.90 -19.52
CA TYR A 300 20.60 -1.77 -19.76
C TYR A 300 19.40 -1.14 -19.07
N ILE A 301 18.27 -1.13 -19.77
CA ILE A 301 16.96 -0.75 -19.19
C ILE A 301 15.99 -1.93 -19.34
N ASN A 302 15.52 -2.46 -18.22
CA ASN A 302 14.35 -3.36 -18.21
C ASN A 302 13.15 -2.44 -18.26
N ALA A 303 12.54 -2.35 -19.43
CA ALA A 303 11.45 -1.38 -19.63
C ALA A 303 10.18 -1.85 -18.90
N HIS A 304 9.26 -0.96 -18.67
CA HIS A 304 7.89 -1.35 -18.26
C HIS A 304 7.33 -2.22 -19.40
N GLY A 305 7.25 -1.65 -20.61
CA GLY A 305 7.06 -2.38 -21.87
C GLY A 305 5.81 -3.30 -21.86
N THR A 306 4.61 -2.77 -21.65
CA THR A 306 3.41 -3.59 -21.35
C THR A 306 2.75 -4.18 -22.62
N SER A 307 3.17 -3.74 -23.83
CA SER A 307 2.56 -4.12 -25.13
C SER A 307 1.19 -3.40 -25.30
N THR A 308 1.03 -2.23 -24.71
CA THR A 308 -0.05 -1.31 -25.10
C THR A 308 0.50 -0.30 -26.11
N PRO A 309 -0.36 0.11 -27.05
CA PRO A 309 -0.02 1.17 -28.01
C PRO A 309 0.61 2.42 -27.38
N ALA A 310 -0.08 3.06 -26.46
CA ALA A 310 0.38 4.38 -25.97
C ALA A 310 1.52 4.20 -24.95
N GLY A 311 1.49 3.11 -24.17
CA GLY A 311 2.47 2.88 -23.08
C GLY A 311 3.89 2.72 -23.63
N ASP A 312 4.03 1.83 -24.64
CA ASP A 312 5.30 1.43 -25.29
C ASP A 312 5.94 2.66 -25.93
N ILE A 313 5.18 3.46 -26.68
CA ILE A 313 5.74 4.61 -27.43
C ILE A 313 6.12 5.74 -26.45
N ALA A 314 5.32 5.96 -25.39
CA ALA A 314 5.64 6.89 -24.30
C ALA A 314 7.05 6.59 -23.77
N GLU A 315 7.37 5.30 -23.63
CA GLU A 315 8.63 4.84 -23.00
C GLU A 315 9.81 5.14 -23.91
N ILE A 316 9.65 4.92 -25.22
CA ILE A 316 10.71 5.32 -26.17
C ILE A 316 11.01 6.82 -25.99
N ALA A 317 9.95 7.64 -25.91
CA ALA A 317 10.07 9.11 -25.93
C ALA A 317 10.77 9.53 -24.64
N ALA A 318 10.37 8.94 -23.50
CA ALA A 318 10.99 9.22 -22.18
C ALA A 318 12.48 8.91 -22.25
N VAL A 319 12.85 7.74 -22.77
CA VAL A 319 14.27 7.27 -22.81
C VAL A 319 15.10 8.16 -23.78
N LYS A 320 14.56 8.53 -24.93
CA LYS A 320 15.22 9.45 -25.90
C LYS A 320 15.42 10.82 -25.24
N SER A 321 14.44 11.30 -24.48
CA SER A 321 14.49 12.62 -23.83
C SER A 321 15.55 12.58 -22.70
N VAL A 322 15.69 11.48 -21.96
CA VAL A 322 16.60 11.41 -20.77
C VAL A 322 18.03 11.20 -21.27
N PHE A 323 18.23 10.30 -22.24
CA PHE A 323 19.60 9.81 -22.54
C PHE A 323 20.14 10.43 -23.85
N GLY A 324 19.31 11.13 -24.62
CA GLY A 324 19.75 11.82 -25.85
C GLY A 324 20.49 10.84 -26.75
N GLU A 325 21.70 11.17 -27.19
CA GLU A 325 22.44 10.31 -28.15
C GLU A 325 22.79 8.97 -27.48
N HIS A 326 22.97 8.93 -26.15
CA HIS A 326 23.33 7.68 -25.44
C HIS A 326 22.13 6.69 -25.47
N ALA A 327 20.91 7.17 -25.77
CA ALA A 327 19.71 6.32 -25.97
C ALA A 327 20.00 5.27 -27.03
N HIS A 328 20.85 5.61 -28.00
CA HIS A 328 21.19 4.72 -29.13
C HIS A 328 22.32 3.75 -28.76
N ALA A 329 22.89 3.78 -27.55
CA ALA A 329 24.05 2.95 -27.16
C ALA A 329 23.63 1.90 -26.11
N LEU A 330 22.80 2.28 -25.13
CA LEU A 330 22.21 1.35 -24.14
C LEU A 330 21.32 0.31 -24.84
N SER A 331 21.02 -0.79 -24.15
CA SER A 331 20.04 -1.80 -24.59
C SER A 331 18.80 -1.69 -23.70
N MET A 332 17.63 -1.71 -24.29
CA MET A 332 16.35 -1.72 -23.54
C MET A 332 15.55 -2.92 -24.01
N SER A 333 14.99 -3.69 -23.08
CA SER A 333 14.07 -4.80 -23.44
C SER A 333 12.93 -4.88 -22.42
N SER A 334 11.84 -5.50 -22.87
CA SER A 334 10.66 -5.85 -22.05
C SER A 334 10.63 -7.37 -21.94
N THR A 335 10.92 -7.86 -20.74
CA THR A 335 10.72 -9.27 -20.38
C THR A 335 9.21 -9.58 -20.29
N LYS A 336 8.34 -8.57 -20.29
CA LYS A 336 6.87 -8.78 -20.42
C LYS A 336 6.53 -9.50 -21.75
N SER A 337 7.38 -9.39 -22.77
CA SER A 337 7.29 -10.13 -24.04
C SER A 337 7.16 -11.64 -23.76
N MET A 338 7.77 -12.11 -22.67
CA MET A 338 7.82 -13.54 -22.31
C MET A 338 6.88 -13.87 -21.14
N THR A 339 6.89 -13.04 -20.07
CA THR A 339 6.24 -13.28 -18.76
C THR A 339 4.80 -12.75 -18.72
N GLY A 340 4.45 -11.84 -19.62
CA GLY A 340 3.27 -10.97 -19.52
C GLY A 340 3.43 -9.99 -18.37
N HIS A 341 2.32 -9.32 -18.03
CA HIS A 341 2.25 -8.21 -17.05
C HIS A 341 1.78 -8.77 -15.72
N LEU A 342 2.71 -8.85 -14.77
CA LEU A 342 2.42 -9.38 -13.43
C LEU A 342 1.89 -8.25 -12.54
N LEU A 343 1.54 -7.10 -13.15
CA LEU A 343 0.86 -6.00 -12.42
C LEU A 343 1.72 -5.61 -11.20
N GLY A 344 1.17 -5.65 -9.99
CA GLY A 344 1.93 -5.22 -8.78
C GLY A 344 3.21 -6.02 -8.58
N ALA A 345 3.27 -7.24 -9.11
CA ALA A 345 4.49 -8.08 -9.03
C ALA A 345 5.46 -7.77 -10.18
N ALA A 346 5.05 -7.01 -11.22
CA ALA A 346 5.90 -6.72 -12.40
C ALA A 346 7.27 -6.13 -12.00
N GLY A 347 7.24 -5.10 -11.15
CA GLY A 347 8.43 -4.37 -10.69
C GLY A 347 9.37 -5.28 -9.91
N ALA A 348 8.83 -6.25 -9.18
CA ALA A 348 9.57 -7.23 -8.35
C ALA A 348 10.34 -8.21 -9.25
N VAL A 349 9.66 -8.93 -10.14
CA VAL A 349 10.39 -9.90 -11.00
C VAL A 349 11.38 -9.13 -11.88
N GLU A 350 11.04 -7.95 -12.36
CA GLU A 350 11.86 -7.24 -13.37
C GLU A 350 13.11 -6.66 -12.72
N ALA A 351 13.02 -6.29 -11.44
CA ALA A 351 14.21 -5.89 -10.64
C ALA A 351 15.15 -7.11 -10.54
N ILE A 352 14.60 -8.30 -10.34
CA ILE A 352 15.42 -9.56 -10.27
C ILE A 352 16.05 -9.80 -11.66
N PHE A 353 15.31 -9.54 -12.74
CA PHE A 353 15.86 -9.71 -14.10
C PHE A 353 17.00 -8.71 -14.29
N SER A 354 16.85 -7.49 -13.81
CA SER A 354 17.84 -6.38 -13.94
C SER A 354 19.13 -6.78 -13.19
N VAL A 355 18.99 -7.27 -11.96
CA VAL A 355 20.13 -7.77 -11.14
C VAL A 355 20.81 -8.93 -11.87
N LEU A 356 20.04 -9.87 -12.44
CA LEU A 356 20.64 -11.04 -13.14
C LEU A 356 21.27 -10.58 -14.45
N ALA A 357 20.81 -9.51 -15.08
CA ALA A 357 21.48 -8.95 -16.28
C ALA A 357 22.88 -8.45 -15.88
N LEU A 358 23.03 -7.90 -14.66
CA LEU A 358 24.32 -7.42 -14.12
C LEU A 358 25.21 -8.64 -13.81
N ARG A 359 24.66 -9.68 -13.18
CA ARG A 359 25.46 -10.86 -12.77
C ARG A 359 26.01 -11.54 -14.03
N ASP A 360 25.18 -11.75 -15.04
CA ASP A 360 25.53 -12.64 -16.19
C ASP A 360 26.00 -11.81 -17.38
N GLN A 361 25.89 -10.48 -17.32
CA GLN A 361 26.38 -9.56 -18.38
C GLN A 361 25.65 -9.88 -19.69
N VAL A 362 24.31 -9.87 -19.62
CA VAL A 362 23.43 -10.20 -20.77
C VAL A 362 22.14 -9.39 -20.66
N ALA A 363 21.74 -8.80 -21.78
CA ALA A 363 20.45 -8.12 -21.97
C ALA A 363 19.45 -9.17 -22.43
N PRO A 364 18.39 -9.42 -21.63
CA PRO A 364 17.29 -10.28 -22.04
C PRO A 364 16.58 -9.74 -23.28
N PRO A 365 16.07 -10.64 -24.16
CA PRO A 365 15.37 -10.22 -25.37
C PRO A 365 13.98 -9.62 -25.11
N THR A 366 13.56 -8.73 -25.99
CA THR A 366 12.14 -8.49 -26.28
C THR A 366 11.70 -9.47 -27.38
N ILE A 367 11.03 -10.57 -27.02
CA ILE A 367 10.55 -11.51 -28.06
C ILE A 367 9.38 -10.85 -28.82
N ASN A 368 9.07 -11.39 -30.00
CA ASN A 368 7.86 -11.06 -30.79
C ASN A 368 7.95 -9.67 -31.41
N LEU A 369 9.13 -9.01 -31.34
CA LEU A 369 9.35 -7.65 -31.89
C LEU A 369 9.75 -7.83 -33.36
N ASP A 370 8.78 -8.22 -34.19
CA ASP A 370 8.95 -8.58 -35.62
C ASP A 370 9.00 -7.30 -36.46
N ASN A 371 8.16 -6.31 -36.13
CA ASN A 371 8.02 -5.04 -36.89
C ASN A 371 7.94 -3.89 -35.89
N PRO A 372 9.11 -3.37 -35.45
CA PRO A 372 9.15 -2.24 -34.53
C PRO A 372 8.26 -1.11 -35.05
N ASP A 373 7.55 -0.40 -34.17
CA ASP A 373 6.54 0.58 -34.62
C ASP A 373 7.27 1.87 -34.96
N GLU A 374 6.53 2.85 -35.48
CA GLU A 374 7.06 4.19 -35.82
C GLU A 374 7.85 4.69 -34.60
N GLY A 375 9.11 5.10 -34.80
CA GLY A 375 9.99 5.79 -33.82
C GLY A 375 10.55 4.85 -32.77
N CYS A 376 10.28 3.53 -32.88
CA CYS A 376 10.74 2.48 -31.94
C CYS A 376 12.07 1.93 -32.45
N ASP A 377 13.10 2.78 -32.47
CA ASP A 377 14.33 2.57 -33.28
C ASP A 377 15.56 2.48 -32.35
N LEU A 378 15.36 2.26 -31.04
CA LEU A 378 16.48 2.01 -30.10
C LEU A 378 16.89 0.54 -30.21
N ASP A 379 18.00 0.14 -29.59
CA ASP A 379 18.36 -1.28 -29.43
C ASP A 379 17.38 -1.88 -28.41
N LEU A 380 16.37 -2.60 -28.90
CA LEU A 380 15.31 -3.21 -28.07
C LEU A 380 15.58 -4.72 -27.92
N VAL A 381 16.77 -5.17 -28.29
CA VAL A 381 17.24 -6.57 -28.10
C VAL A 381 16.17 -7.50 -28.68
N ALA A 382 15.69 -7.22 -29.89
CA ALA A 382 14.62 -8.02 -30.53
C ALA A 382 15.03 -9.52 -30.58
N HIS A 383 14.12 -10.41 -30.26
CA HIS A 383 14.17 -11.88 -30.56
C HIS A 383 15.15 -12.60 -29.64
N GLU A 384 16.38 -12.13 -29.45
CA GLU A 384 17.45 -12.95 -28.82
C GLU A 384 18.22 -12.19 -27.74
N ALA A 385 18.60 -12.91 -26.69
CA ALA A 385 19.43 -12.38 -25.58
C ALA A 385 20.72 -11.84 -26.20
N LYS A 386 21.23 -10.73 -25.66
CA LYS A 386 22.44 -10.07 -26.20
C LYS A 386 23.48 -9.95 -25.09
N PRO A 387 24.53 -10.80 -25.09
CA PRO A 387 25.67 -10.65 -24.18
C PRO A 387 26.23 -9.24 -24.39
N ARG A 388 26.58 -8.52 -23.33
CA ARG A 388 27.14 -7.16 -23.44
C ARG A 388 27.61 -6.71 -22.06
N LYS A 389 28.36 -5.61 -22.03
CA LYS A 389 28.83 -4.97 -20.80
C LYS A 389 27.65 -4.22 -20.16
N ILE A 390 27.39 -4.51 -18.89
CA ILE A 390 26.34 -3.86 -18.08
C ILE A 390 26.95 -3.58 -16.72
N ASP A 391 27.27 -2.31 -16.50
CA ASP A 391 27.69 -1.82 -15.18
C ASP A 391 26.47 -1.28 -14.43
N VAL A 392 25.58 -0.62 -15.16
CA VAL A 392 24.37 0.04 -14.59
C VAL A 392 23.14 -0.43 -15.35
N ALA A 393 22.14 -0.85 -14.59
CA ALA A 393 20.85 -1.34 -15.09
C ALA A 393 19.75 -0.58 -14.38
N LEU A 394 18.73 -0.19 -15.14
N LEU A 394 18.80 -0.09 -15.16
CA LEU A 394 17.57 0.58 -14.68
CA LEU A 394 17.54 0.56 -14.70
C LEU A 394 16.30 -0.24 -14.96
C LEU A 394 16.38 -0.43 -14.86
N SER A 395 15.37 -0.30 -14.01
CA SER A 395 14.09 -1.02 -14.13
C SER A 395 12.97 0.02 -13.92
N ASN A 396 12.11 0.17 -14.93
CA ASN A 396 11.02 1.15 -14.96
C ASN A 396 9.67 0.45 -14.80
N SER A 397 8.82 1.09 -14.02
CA SER A 397 7.39 0.75 -13.92
C SER A 397 6.65 2.07 -14.02
N PHE A 398 5.49 2.03 -14.67
N PHE A 398 5.53 2.08 -14.73
CA PHE A 398 4.48 3.13 -14.75
CA PHE A 398 4.50 3.14 -14.64
C PHE A 398 3.11 2.48 -14.47
C PHE A 398 3.19 2.44 -14.26
N GLY A 399 2.18 3.20 -13.86
CA GLY A 399 0.90 2.61 -13.43
C GLY A 399 -0.27 3.55 -13.54
N PHE A 400 -1.48 3.01 -13.35
CA PHE A 400 -2.73 3.80 -13.22
C PHE A 400 -2.49 4.82 -12.11
N GLY A 401 -3.12 5.98 -12.25
CA GLY A 401 -2.97 7.14 -11.36
C GLY A 401 -1.78 7.99 -11.73
N GLY A 402 -1.12 7.65 -12.85
CA GLY A 402 0.11 8.28 -13.36
C GLY A 402 1.29 8.14 -12.40
N THR A 403 1.39 6.99 -11.72
N THR A 403 1.31 7.01 -11.68
CA THR A 403 2.43 6.72 -10.67
CA THR A 403 2.40 6.59 -10.76
C THR A 403 3.63 5.99 -11.29
C THR A 403 3.62 6.18 -11.60
N ASN A 404 4.82 6.59 -11.19
CA ASN A 404 6.07 6.15 -11.88
C ASN A 404 7.12 5.70 -10.84
N GLY A 405 7.87 4.66 -11.18
CA GLY A 405 9.01 4.19 -10.39
C GLY A 405 10.19 3.82 -11.24
N THR A 406 11.38 4.15 -10.77
CA THR A 406 12.63 3.74 -11.43
C THR A 406 13.58 3.23 -10.36
N LEU A 407 14.15 2.08 -10.63
CA LEU A 407 15.22 1.53 -9.78
C LEU A 407 16.53 1.50 -10.58
N VAL A 408 17.63 1.85 -9.91
CA VAL A 408 19.00 1.90 -10.49
C VAL A 408 19.88 0.95 -9.68
N PHE A 409 20.39 -0.05 -10.36
CA PHE A 409 21.29 -1.10 -9.81
C PHE A 409 22.62 -0.97 -10.53
N ARG A 410 23.70 -1.29 -9.84
CA ARG A 410 25.01 -1.47 -10.50
C ARG A 410 25.77 -2.64 -9.90
N ARG A 411 26.80 -3.10 -10.61
CA ARG A 411 27.69 -4.18 -10.13
C ARG A 411 28.36 -3.70 -8.84
N PHE A 412 28.58 -4.62 -7.90
CA PHE A 412 29.30 -4.32 -6.64
C PHE A 412 30.55 -5.21 -6.58
N ALA A 413 31.74 -4.64 -6.40
CA ALA A 413 33.04 -5.35 -6.21
C ALA A 413 33.64 -4.99 -4.84
N SER B 2 21.17 14.40 9.39
CA SER B 2 20.32 15.59 9.71
C SER B 2 19.00 15.57 8.89
N ARG B 3 18.03 16.37 9.30
CA ARG B 3 16.59 16.11 9.05
C ARG B 3 15.76 17.40 9.12
N ARG B 4 14.83 17.59 8.20
CA ARG B 4 13.94 18.80 8.19
C ARG B 4 12.73 18.53 9.07
N ARG B 5 12.18 19.60 9.64
CA ARG B 5 10.99 19.56 10.52
C ARG B 5 9.74 19.63 9.65
N VAL B 6 8.69 18.93 10.11
CA VAL B 6 7.44 18.65 9.33
C VAL B 6 6.27 19.14 10.19
N VAL B 7 5.46 20.05 9.64
CA VAL B 7 4.28 20.60 10.38
C VAL B 7 2.98 20.29 9.61
N ILE B 8 1.86 20.34 10.33
CA ILE B 8 0.48 20.17 9.81
C ILE B 8 -0.14 21.55 9.48
N THR B 9 -0.49 21.79 8.22
CA THR B 9 -0.99 23.12 7.77
C THR B 9 -2.39 23.03 7.20
N GLY B 10 -2.93 21.81 7.00
CA GLY B 10 -4.34 21.63 6.59
C GLY B 10 -4.87 20.26 6.96
N MET B 11 -6.14 20.19 7.30
CA MET B 11 -6.76 18.91 7.67
C MET B 11 -8.13 18.84 7.02
N GLY B 12 -8.56 17.63 6.68
CA GLY B 12 -9.83 17.35 6.00
C GLY B 12 -10.37 16.03 6.47
N MET B 13 -11.69 15.87 6.46
CA MET B 13 -12.30 14.68 7.10
C MET B 13 -13.73 14.46 6.62
N LEU B 14 -14.09 13.20 6.47
CA LEU B 14 -15.48 12.71 6.51
C LEU B 14 -15.53 11.68 7.65
N SER B 15 -16.50 11.80 8.55
CA SER B 15 -16.61 10.85 9.69
C SER B 15 -18.09 10.57 9.94
N PRO B 16 -18.39 9.53 10.73
CA PRO B 16 -19.76 9.29 11.17
C PRO B 16 -20.32 10.45 12.01
N LEU B 17 -19.46 11.39 12.40
CA LEU B 17 -19.79 12.52 13.28
C LEU B 17 -20.02 13.80 12.47
N GLY B 18 -19.65 13.83 11.18
CA GLY B 18 -19.74 15.09 10.41
C GLY B 18 -19.03 15.04 9.07
N LEU B 19 -19.31 16.04 8.23
CA LEU B 19 -18.81 16.10 6.83
C LEU B 19 -17.54 16.96 6.72
N ASP B 20 -16.91 17.29 7.84
CA ASP B 20 -15.63 18.07 7.85
C ASP B 20 -15.05 17.96 9.25
N VAL B 21 -13.93 18.63 9.45
CA VAL B 21 -13.19 18.55 10.73
C VAL B 21 -13.96 19.25 11.84
N PRO B 22 -14.35 20.53 11.72
CA PRO B 22 -14.89 21.24 12.88
C PRO B 22 -16.17 20.56 13.35
N SER B 23 -16.98 20.00 12.46
CA SER B 23 -18.24 19.36 12.87
C SER B 23 -17.93 18.02 13.54
N SER B 24 -16.98 17.24 13.01
CA SER B 24 -16.56 15.95 13.61
C SER B 24 -16.04 16.23 15.03
N TRP B 25 -15.09 17.18 15.16
CA TRP B 25 -14.46 17.57 16.44
C TRP B 25 -15.51 18.08 17.45
N GLU B 26 -16.49 18.85 17.00
CA GLU B 26 -17.63 19.24 17.85
C GLU B 26 -18.28 18.01 18.49
N GLY B 27 -18.57 16.96 17.70
CA GLY B 27 -19.17 15.71 18.22
C GLY B 27 -18.24 14.99 19.21
N ILE B 28 -16.97 14.87 18.85
CA ILE B 28 -15.93 14.21 19.68
C ILE B 28 -15.99 14.83 21.08
N LEU B 29 -15.93 16.16 21.18
CA LEU B 29 -15.85 16.87 22.47
C LEU B 29 -17.20 16.83 23.20
N ALA B 30 -18.32 16.65 22.49
CA ALA B 30 -19.66 16.45 23.10
C ALA B 30 -19.87 14.97 23.46
N GLY B 31 -18.97 14.06 23.12
CA GLY B 31 -19.18 12.63 23.42
C GLY B 31 -20.35 12.07 22.63
N ARG B 32 -20.67 12.66 21.50
CA ARG B 32 -21.78 12.18 20.63
C ARG B 32 -21.29 10.92 19.90
N SER B 33 -22.19 9.97 19.70
CA SER B 33 -22.00 8.73 18.92
C SER B 33 -22.44 8.95 17.47
N GLY B 34 -21.64 8.43 16.54
CA GLY B 34 -21.97 8.44 15.10
C GLY B 34 -22.62 7.14 14.69
N ILE B 35 -22.82 6.21 15.64
CA ILE B 35 -23.19 4.80 15.33
C ILE B 35 -24.73 4.67 15.30
N ALA B 36 -25.21 3.95 14.30
CA ALA B 36 -26.65 3.84 13.95
C ALA B 36 -26.82 2.59 13.09
N PRO B 37 -28.04 2.01 13.01
CA PRO B 37 -28.29 0.88 12.13
C PRO B 37 -28.07 1.41 10.73
N ILE B 38 -27.59 0.53 9.85
CA ILE B 38 -27.19 0.86 8.46
C ILE B 38 -28.43 0.87 7.59
N GLU B 39 -28.61 1.91 6.79
CA GLU B 39 -29.86 2.08 6.00
C GLU B 39 -29.62 1.73 4.55
N HIS B 40 -30.73 1.60 3.81
CA HIS B 40 -30.80 1.33 2.35
C HIS B 40 -29.88 0.14 2.08
N MET B 41 -30.17 -1.01 2.71
CA MET B 41 -29.28 -2.19 2.70
C MET B 41 -29.93 -3.32 3.51
N ASP B 42 -30.14 -4.52 2.94
CA ASP B 42 -30.84 -5.62 3.66
C ASP B 42 -29.80 -6.37 4.50
N LEU B 43 -29.87 -6.21 5.82
CA LEU B 43 -28.92 -6.85 6.75
C LEU B 43 -29.65 -7.91 7.58
N SER B 44 -30.86 -8.32 7.19
CA SER B 44 -31.69 -9.33 7.92
C SER B 44 -30.87 -10.56 8.31
N ALA B 45 -30.06 -11.11 7.41
CA ALA B 45 -29.36 -12.40 7.67
C ALA B 45 -28.02 -12.16 8.39
N TYR B 46 -27.70 -10.92 8.77
CA TYR B 46 -26.40 -10.50 9.36
C TYR B 46 -26.54 -10.40 10.87
N SER B 47 -25.47 -10.71 11.61
CA SER B 47 -25.42 -10.67 13.11
C SER B 47 -25.08 -9.25 13.61
N THR B 48 -24.55 -8.38 12.76
CA THR B 48 -24.35 -6.94 13.04
C THR B 48 -25.11 -6.13 11.98
N ARG B 49 -25.92 -5.15 12.40
CA ARG B 49 -26.87 -4.39 11.52
C ARG B 49 -26.64 -2.88 11.68
N PHE B 50 -25.56 -2.52 12.36
CA PHE B 50 -25.25 -1.10 12.65
C PHE B 50 -23.77 -0.86 12.35
N GLY B 51 -23.41 0.41 12.32
CA GLY B 51 -22.05 0.95 12.19
C GLY B 51 -22.07 2.47 12.10
N GLY B 52 -20.91 3.08 11.83
CA GLY B 52 -20.77 4.54 11.57
C GLY B 52 -20.80 4.83 10.07
N SER B 53 -21.91 5.31 9.54
CA SER B 53 -22.05 5.76 8.11
C SER B 53 -21.68 7.23 8.04
N VAL B 54 -21.13 7.67 6.91
CA VAL B 54 -21.09 9.12 6.58
C VAL B 54 -22.52 9.51 6.17
N LYS B 55 -23.10 10.51 6.80
CA LYS B 55 -24.50 10.92 6.59
C LYS B 55 -24.53 12.19 5.76
N GLY B 56 -25.18 12.14 4.60
CA GLY B 56 -25.49 13.34 3.79
C GLY B 56 -24.30 13.80 2.94
N PHE B 57 -23.31 12.97 2.73
CA PHE B 57 -22.16 13.29 1.84
C PHE B 57 -22.68 13.67 0.45
N ASN B 58 -22.19 14.77 -0.07
CA ASN B 58 -22.53 15.25 -1.43
C ASN B 58 -21.23 15.32 -2.24
N VAL B 59 -20.97 14.28 -3.04
CA VAL B 59 -19.77 14.15 -3.89
C VAL B 59 -19.73 15.26 -4.95
N GLU B 60 -20.87 15.80 -5.37
CA GLU B 60 -20.91 16.90 -6.36
C GLU B 60 -20.38 18.23 -5.79
N GLU B 61 -20.00 18.33 -4.51
CA GLU B 61 -19.24 19.53 -4.04
C GLU B 61 -17.79 19.42 -4.53
N TYR B 62 -17.35 18.23 -4.93
CA TYR B 62 -15.93 17.92 -5.24
C TYR B 62 -15.74 17.52 -6.71
N LEU B 63 -16.63 16.67 -7.20
CA LEU B 63 -16.57 16.08 -8.56
C LEU B 63 -17.90 16.26 -9.30
N SER B 64 -17.79 16.29 -10.62
CA SER B 64 -18.92 16.11 -11.56
C SER B 64 -19.57 14.75 -11.27
N ALA B 65 -20.87 14.64 -11.52
CA ALA B 65 -21.61 13.36 -11.44
C ALA B 65 -20.91 12.27 -12.27
N LYS B 66 -20.38 12.65 -13.43
CA LYS B 66 -19.74 11.72 -14.38
C LYS B 66 -18.43 11.15 -13.80
N GLU B 67 -17.57 11.99 -13.22
N GLU B 67 -17.57 12.04 -13.29
CA GLU B 67 -16.28 11.53 -12.63
CA GLU B 67 -16.30 11.75 -12.54
C GLU B 67 -16.56 10.70 -11.37
C GLU B 67 -16.61 10.74 -11.42
N ALA B 68 -17.53 11.10 -10.53
CA ALA B 68 -17.88 10.36 -9.29
C ALA B 68 -18.45 8.97 -9.60
N ARG B 69 -19.15 8.79 -10.75
CA ARG B 69 -19.79 7.49 -11.13
C ARG B 69 -18.70 6.45 -11.38
N LYS B 70 -17.49 6.89 -11.72
CA LYS B 70 -16.34 5.99 -12.04
C LYS B 70 -15.68 5.48 -10.76
N LEU B 71 -16.02 6.04 -9.58
CA LEU B 71 -15.18 5.88 -8.36
C LEU B 71 -15.98 5.21 -7.24
N ASP B 72 -15.39 4.19 -6.62
CA ASP B 72 -15.87 3.61 -5.35
C ASP B 72 -16.01 4.70 -4.29
N LEU B 73 -17.00 4.51 -3.41
CA LEU B 73 -17.20 5.41 -2.24
C LEU B 73 -15.88 5.65 -1.52
N PHE B 74 -14.99 4.65 -1.33
CA PHE B 74 -13.77 4.86 -0.50
C PHE B 74 -12.91 5.94 -1.18
N ILE B 75 -12.93 6.00 -2.50
CA ILE B 75 -12.14 6.98 -3.29
C ILE B 75 -12.81 8.35 -3.20
N GLN B 76 -14.13 8.39 -3.34
CA GLN B 76 -14.90 9.65 -3.20
C GLN B 76 -14.50 10.28 -1.85
N TYR B 77 -14.56 9.48 -0.78
CA TYR B 77 -14.32 9.94 0.61
C TYR B 77 -12.88 10.43 0.76
N GLY B 78 -11.94 9.70 0.15
CA GLY B 78 -10.52 10.05 0.14
C GLY B 78 -10.28 11.39 -0.53
N LEU B 79 -10.89 11.60 -1.68
CA LEU B 79 -10.75 12.86 -2.44
C LEU B 79 -11.37 13.99 -1.64
N ALA B 80 -12.54 13.79 -1.04
CA ALA B 80 -13.22 14.83 -0.23
C ALA B 80 -12.32 15.33 0.91
N ALA B 81 -11.79 14.42 1.75
CA ALA B 81 -10.89 14.78 2.86
C ALA B 81 -9.67 15.50 2.28
N SER B 82 -9.11 15.01 1.15
CA SER B 82 -7.87 15.56 0.55
C SER B 82 -8.10 16.96 0.00
N PHE B 83 -9.18 17.17 -0.76
CA PHE B 83 -9.56 18.51 -1.28
C PHE B 83 -9.78 19.47 -0.09
N GLN B 84 -10.45 19.00 0.97
CA GLN B 84 -10.69 19.80 2.19
C GLN B 84 -9.35 20.25 2.78
N ALA B 85 -8.41 19.32 2.88
CA ALA B 85 -7.13 19.50 3.57
C ALA B 85 -6.25 20.51 2.78
N VAL B 86 -6.19 20.33 1.46
CA VAL B 86 -5.46 21.28 0.56
C VAL B 86 -6.08 22.70 0.69
N ARG B 87 -7.41 22.83 0.53
CA ARG B 87 -8.14 24.13 0.73
C ARG B 87 -7.83 24.68 2.14
N ASP B 88 -7.87 23.85 3.18
CA ASP B 88 -7.65 24.28 4.58
C ASP B 88 -6.21 24.82 4.71
N SER B 89 -5.25 24.33 3.91
CA SER B 89 -3.81 24.71 3.99
C SER B 89 -3.53 26.07 3.33
N GLY B 90 -4.35 26.47 2.36
CA GLY B 90 -4.17 27.70 1.55
C GLY B 90 -3.02 27.55 0.55
N LEU B 91 -2.44 26.36 0.38
CA LEU B 91 -1.26 26.15 -0.47
C LEU B 91 -1.62 26.48 -1.93
N GLU B 92 -0.75 27.19 -2.63
CA GLU B 92 -0.91 27.43 -4.08
C GLU B 92 0.09 26.52 -4.82
N VAL B 93 -0.44 25.61 -5.64
CA VAL B 93 0.35 24.71 -6.52
C VAL B 93 0.75 25.53 -7.76
N THR B 94 2.02 25.49 -8.15
CA THR B 94 2.64 26.28 -9.25
C THR B 94 3.59 25.42 -10.06
N ASP B 95 3.95 25.83 -11.28
CA ASP B 95 4.98 25.06 -12.03
C ASP B 95 6.27 25.03 -11.21
N ALA B 96 6.52 26.02 -10.36
CA ALA B 96 7.76 26.13 -9.56
C ALA B 96 7.76 25.16 -8.36
N ASN B 97 6.63 24.60 -7.93
CA ASN B 97 6.63 23.71 -6.73
C ASN B 97 5.90 22.38 -6.97
N ARG B 98 5.22 22.18 -8.09
CA ARG B 98 4.34 21.00 -8.26
C ARG B 98 5.16 19.70 -8.17
N GLU B 99 6.42 19.69 -8.57
CA GLU B 99 7.24 18.45 -8.48
C GLU B 99 7.59 18.14 -7.03
N ARG B 100 7.38 19.09 -6.11
CA ARG B 100 7.76 18.95 -4.68
C ARG B 100 6.52 18.65 -3.84
N ILE B 101 5.36 18.40 -4.47
CA ILE B 101 4.08 18.17 -3.73
C ILE B 101 3.55 16.79 -4.13
N GLY B 102 3.45 15.88 -3.16
CA GLY B 102 3.08 14.49 -3.42
C GLY B 102 1.86 14.09 -2.63
N VAL B 103 1.43 12.84 -2.80
N VAL B 103 1.49 12.82 -2.70
CA VAL B 103 0.22 12.25 -2.15
CA VAL B 103 0.24 12.30 -2.09
C VAL B 103 0.54 10.83 -1.68
C VAL B 103 0.44 10.82 -1.72
N SER B 104 0.04 10.47 -0.49
CA SER B 104 0.04 9.09 0.02
C SER B 104 -1.23 8.93 0.83
N MET B 105 -2.33 8.65 0.15
CA MET B 105 -3.64 8.36 0.76
C MET B 105 -3.87 6.86 0.56
N GLY B 106 -4.16 6.18 1.65
CA GLY B 106 -4.27 4.71 1.67
C GLY B 106 -5.68 4.25 1.95
N SER B 107 -5.82 2.93 1.91
CA SER B 107 -7.03 2.21 2.37
C SER B 107 -6.65 0.81 2.88
N GLY B 108 -7.36 0.34 3.89
CA GLY B 108 -7.15 -1.00 4.45
C GLY B 108 -7.72 -2.08 3.54
N ILE B 109 -8.90 -1.82 2.97
CA ILE B 109 -9.74 -2.88 2.32
C ILE B 109 -10.17 -2.50 0.90
N GLY B 110 -10.18 -1.21 0.55
CA GLY B 110 -10.40 -0.71 -0.80
C GLY B 110 -11.84 -0.86 -1.22
N GLY B 111 -12.07 -1.31 -2.46
CA GLY B 111 -13.29 -1.11 -3.24
C GLY B 111 -14.29 -2.24 -3.11
N LEU B 112 -14.67 -2.62 -1.89
CA LEU B 112 -15.59 -3.78 -1.68
C LEU B 112 -16.97 -3.49 -2.28
N THR B 113 -17.48 -2.26 -2.13
CA THR B 113 -18.82 -1.87 -2.59
C THR B 113 -18.89 -2.09 -4.10
N ASN B 114 -17.89 -1.56 -4.83
N ASN B 114 -17.86 -1.62 -4.82
CA ASN B 114 -17.72 -1.71 -6.30
CA ASN B 114 -17.77 -1.72 -6.30
C ASN B 114 -17.58 -3.19 -6.66
C ASN B 114 -17.52 -3.17 -6.71
N ILE B 115 -16.73 -3.92 -5.95
CA ILE B 115 -16.45 -5.36 -6.22
C ILE B 115 -17.75 -6.14 -6.10
N GLU B 116 -18.55 -5.81 -5.11
CA GLU B 116 -19.86 -6.43 -4.82
C GLU B 116 -20.82 -6.14 -5.99
N ASN B 117 -20.94 -4.89 -6.46
CA ASN B 117 -21.92 -4.54 -7.53
C ASN B 117 -21.45 -5.15 -8.85
N ASN B 118 -20.14 -5.26 -9.09
CA ASN B 118 -19.63 -5.86 -10.34
C ASN B 118 -19.74 -7.38 -10.28
N CYS B 119 -19.59 -7.99 -9.11
CA CYS B 119 -19.91 -9.43 -8.84
C CYS B 119 -21.38 -9.72 -9.17
N ARG B 120 -22.29 -8.90 -8.67
CA ARG B 120 -23.74 -8.97 -8.98
C ARG B 120 -23.90 -9.02 -10.50
N SER B 121 -23.38 -8.05 -11.22
CA SER B 121 -23.46 -8.06 -12.71
C SER B 121 -22.78 -9.31 -13.29
N LEU B 122 -21.61 -9.71 -12.80
CA LEU B 122 -20.87 -10.88 -13.35
C LEU B 122 -21.69 -12.17 -13.28
N PHE B 123 -22.33 -12.42 -12.13
CA PHE B 123 -23.02 -13.71 -11.81
C PHE B 123 -24.38 -13.76 -12.50
N GLU B 124 -25.11 -12.64 -12.43
CA GLU B 124 -26.45 -12.50 -13.03
C GLU B 124 -26.38 -12.58 -14.57
N GLN B 125 -25.51 -11.78 -15.19
N GLN B 125 -25.54 -11.78 -15.22
CA GLN B 125 -25.57 -11.44 -16.65
CA GLN B 125 -25.60 -11.64 -16.70
C GLN B 125 -24.28 -11.82 -17.41
C GLN B 125 -24.21 -11.60 -17.36
N GLY B 126 -23.20 -12.20 -16.72
CA GLY B 126 -21.90 -12.49 -17.37
C GLY B 126 -20.95 -11.30 -17.45
N PRO B 127 -19.67 -11.54 -17.81
CA PRO B 127 -18.62 -10.53 -17.71
C PRO B 127 -18.86 -9.26 -18.54
N ARG B 128 -19.67 -9.34 -19.58
CA ARG B 128 -19.86 -8.22 -20.54
C ARG B 128 -20.65 -7.11 -19.84
N ARG B 129 -21.17 -7.36 -18.64
CA ARG B 129 -21.82 -6.30 -17.83
C ARG B 129 -20.84 -5.73 -16.77
N ILE B 130 -19.56 -6.14 -16.73
CA ILE B 130 -18.60 -5.50 -15.79
C ILE B 130 -18.27 -4.09 -16.34
N SER B 131 -18.30 -3.10 -15.44
CA SER B 131 -18.00 -1.68 -15.73
C SER B 131 -16.57 -1.55 -16.25
N PRO B 132 -16.39 -0.84 -17.39
CA PRO B 132 -15.07 -0.51 -17.91
C PRO B 132 -14.19 0.19 -16.87
N PHE B 133 -14.80 0.86 -15.91
CA PHE B 133 -14.03 1.64 -14.90
C PHE B 133 -13.82 0.79 -13.66
N PHE B 134 -14.22 -0.48 -13.71
CA PHE B 134 -14.10 -1.41 -12.55
C PHE B 134 -12.73 -1.27 -11.88
N VAL B 135 -11.65 -1.48 -12.64
CA VAL B 135 -10.27 -1.58 -12.10
C VAL B 135 -9.80 -0.21 -11.62
N PRO B 136 -9.75 0.85 -12.47
CA PRO B 136 -9.23 2.14 -12.02
C PRO B 136 -10.14 2.78 -10.95
N GLY B 137 -11.42 2.40 -10.96
CA GLY B 137 -12.44 2.94 -10.06
C GLY B 137 -12.46 2.22 -8.71
N SER B 138 -11.64 1.19 -8.52
CA SER B 138 -11.71 0.31 -7.31
C SER B 138 -10.35 0.19 -6.62
N ILE B 139 -9.24 0.42 -7.32
CA ILE B 139 -7.87 0.13 -6.78
C ILE B 139 -7.48 1.27 -5.84
N ILE B 140 -6.72 0.92 -4.80
CA ILE B 140 -6.52 1.77 -3.61
C ILE B 140 -5.67 3.01 -3.96
N ASN B 141 -4.82 2.92 -4.98
CA ASN B 141 -3.87 4.04 -5.26
C ASN B 141 -4.61 5.15 -6.02
N MET B 142 -5.92 5.01 -6.26
CA MET B 142 -6.63 5.98 -7.13
C MET B 142 -7.03 7.23 -6.35
N VAL B 143 -7.02 7.23 -5.01
CA VAL B 143 -7.14 8.53 -4.29
C VAL B 143 -5.88 9.36 -4.61
N SER B 144 -4.69 8.75 -4.50
CA SER B 144 -3.42 9.44 -4.82
C SER B 144 -3.44 9.82 -6.31
N GLY B 145 -3.86 8.89 -7.17
CA GLY B 145 -3.92 9.09 -8.62
C GLY B 145 -4.80 10.27 -8.94
N PHE B 146 -6.04 10.25 -8.47
CA PHE B 146 -7.04 11.23 -8.93
C PHE B 146 -6.65 12.60 -8.35
N LEU B 147 -6.12 12.60 -7.12
CA LEU B 147 -5.81 13.87 -6.44
C LEU B 147 -4.65 14.54 -7.19
N SER B 148 -3.60 13.77 -7.50
N SER B 148 -3.60 13.77 -7.48
CA SER B 148 -2.43 14.23 -8.28
CA SER B 148 -2.43 14.19 -8.29
C SER B 148 -2.91 14.80 -9.64
C SER B 148 -2.91 14.78 -9.63
N ILE B 149 -3.83 14.09 -10.32
CA ILE B 149 -4.34 14.54 -11.65
C ILE B 149 -5.14 15.82 -11.50
N HIS B 150 -6.05 15.91 -10.54
CA HIS B 150 -6.93 17.08 -10.37
C HIS B 150 -6.11 18.32 -9.99
N LEU B 151 -5.04 18.17 -9.21
CA LEU B 151 -4.33 19.34 -8.63
C LEU B 151 -3.00 19.57 -9.34
N GLY B 152 -2.59 18.69 -10.25
CA GLY B 152 -1.28 18.78 -10.92
C GLY B 152 -0.11 18.49 -9.97
N LEU B 153 -0.28 17.58 -9.00
CA LEU B 153 0.82 17.20 -8.09
C LEU B 153 1.72 16.19 -8.79
N GLN B 154 3.02 16.51 -8.89
CA GLN B 154 4.01 15.65 -9.59
C GLN B 154 5.04 15.09 -8.60
N GLY B 155 4.84 15.27 -7.30
CA GLY B 155 5.75 14.71 -6.27
C GLY B 155 5.53 13.21 -6.06
N PRO B 156 6.11 12.61 -5.00
CA PRO B 156 5.89 11.19 -4.75
C PRO B 156 4.40 10.90 -4.72
N ASN B 157 4.00 9.87 -5.47
N ASN B 157 3.99 9.87 -5.46
CA ASN B 157 2.59 9.43 -5.65
CA ASN B 157 2.58 9.44 -5.66
C ASN B 157 2.51 7.95 -5.32
C ASN B 157 2.45 7.95 -5.35
N TYR B 158 1.90 7.62 -4.18
CA TYR B 158 1.81 6.23 -3.71
C TYR B 158 0.67 6.08 -2.73
N ALA B 159 0.43 4.82 -2.35
CA ALA B 159 -0.64 4.42 -1.44
C ALA B 159 -0.14 3.25 -0.57
N LEU B 160 -0.37 3.38 0.74
CA LEU B 160 -0.17 2.33 1.77
C LEU B 160 -1.50 1.58 1.95
N THR B 161 -1.40 0.31 2.31
CA THR B 161 -2.51 -0.58 2.73
C THR B 161 -1.91 -1.46 3.83
N THR B 162 -2.02 -1.04 5.08
CA THR B 162 -1.58 -1.81 6.26
C THR B 162 -2.79 -2.01 7.17
N ALA B 163 -3.88 -2.47 6.57
CA ALA B 163 -5.17 -2.75 7.26
C ALA B 163 -5.54 -1.58 8.17
N GLN B 164 -5.69 -1.83 9.48
CA GLN B 164 -6.18 -0.81 10.44
C GLN B 164 -5.04 0.17 10.79
N THR B 165 -3.83 0.01 10.22
CA THR B 165 -2.65 0.87 10.53
C THR B 165 -2.43 1.86 9.39
N THR B 166 -3.17 1.70 8.29
CA THR B 166 -2.94 2.41 7.01
C THR B 166 -2.77 3.92 7.27
N GLY B 167 -3.74 4.57 7.91
CA GLY B 167 -3.73 6.04 8.01
C GLY B 167 -2.52 6.56 8.75
N THR B 168 -2.15 5.86 9.84
CA THR B 168 -0.95 6.17 10.68
C THR B 168 0.30 5.97 9.82
N HIS B 169 0.42 4.85 9.14
CA HIS B 169 1.64 4.62 8.32
C HIS B 169 1.70 5.66 7.17
N SER B 170 0.55 5.96 6.53
CA SER B 170 0.53 6.87 5.36
C SER B 170 1.11 8.22 5.80
N ILE B 171 0.66 8.73 6.94
CA ILE B 171 1.05 10.06 7.46
C ILE B 171 2.53 10.02 7.86
N GLY B 172 2.94 8.95 8.54
CA GLY B 172 4.31 8.80 9.03
C GLY B 172 5.31 8.79 7.90
N MET B 173 5.06 7.97 6.88
N MET B 173 5.07 7.98 6.86
CA MET B 173 5.95 7.79 5.69
CA MET B 173 5.97 7.80 5.70
C MET B 173 5.95 9.05 4.82
C MET B 173 5.96 9.07 4.82
N ALA B 174 4.80 9.74 4.71
CA ALA B 174 4.74 11.09 4.07
C ALA B 174 5.64 12.07 4.82
N ALA B 175 5.60 12.09 6.16
CA ALA B 175 6.48 12.93 7.02
C ALA B 175 7.93 12.63 6.69
N ARG B 176 8.30 11.36 6.62
CA ARG B 176 9.66 10.94 6.22
C ARG B 176 10.05 11.53 4.86
N ASN B 177 9.15 11.46 3.87
CA ASN B 177 9.47 11.97 2.51
C ASN B 177 9.95 13.42 2.66
N ILE B 178 9.24 14.22 3.47
CA ILE B 178 9.53 15.67 3.58
C ILE B 178 10.81 15.87 4.41
N ALA B 179 10.94 15.16 5.53
CA ALA B 179 12.10 15.24 6.46
C ALA B 179 13.41 14.98 5.73
N TYR B 180 13.42 14.04 4.79
CA TYR B 180 14.63 13.59 4.06
C TYR B 180 14.70 14.24 2.69
N GLY B 181 13.82 15.19 2.41
CA GLY B 181 14.01 16.13 1.30
C GLY B 181 13.50 15.59 -0.03
N GLU B 182 12.67 14.55 -0.04
CA GLU B 182 12.08 13.95 -1.27
C GLU B 182 10.84 14.75 -1.71
N ALA B 183 10.31 15.62 -0.87
CA ALA B 183 9.12 16.47 -1.11
C ALA B 183 9.15 17.61 -0.08
N ASP B 184 8.46 18.73 -0.35
CA ASP B 184 8.22 19.84 0.60
C ASP B 184 6.80 19.79 1.14
N VAL B 185 5.86 19.19 0.40
CA VAL B 185 4.45 19.03 0.84
C VAL B 185 3.98 17.62 0.49
N MET B 186 3.19 17.02 1.39
CA MET B 186 2.48 15.75 1.09
C MET B 186 1.05 15.84 1.61
N VAL B 187 0.10 15.30 0.84
CA VAL B 187 -1.30 15.05 1.31
C VAL B 187 -1.34 13.59 1.75
N ALA B 188 -1.63 13.30 3.01
CA ALA B 188 -1.54 11.91 3.50
C ALA B 188 -2.70 11.60 4.45
N GLY B 189 -3.03 10.31 4.53
CA GLY B 189 -4.15 9.83 5.35
C GLY B 189 -4.70 8.58 4.73
N GLY B 190 -6.00 8.36 4.87
CA GLY B 190 -6.63 7.13 4.40
C GLY B 190 -8.12 7.33 4.31
N SER B 191 -8.77 6.40 3.63
CA SER B 191 -10.24 6.43 3.51
C SER B 191 -10.71 4.99 3.47
N GLU B 192 -11.98 4.80 3.76
CA GLU B 192 -12.51 3.46 3.88
C GLU B 192 -14.03 3.48 3.76
N MET B 193 -14.58 2.45 3.13
N MET B 193 -14.57 2.45 3.14
CA MET B 193 -16.03 2.16 3.07
CA MET B 193 -16.02 2.15 3.02
C MET B 193 -16.17 0.64 2.91
C MET B 193 -16.20 0.64 2.90
N ALA B 194 -16.14 -0.08 4.02
CA ALA B 194 -16.23 -1.55 4.06
C ALA B 194 -17.58 -1.96 4.68
N ALA B 195 -18.28 -1.02 5.34
CA ALA B 195 -19.62 -1.28 5.91
C ALA B 195 -20.65 -1.51 4.78
N CYS B 196 -20.28 -2.40 3.85
CA CYS B 196 -21.07 -3.06 2.78
C CYS B 196 -21.29 -4.51 3.20
N GLY B 197 -21.96 -5.30 2.36
CA GLY B 197 -22.28 -6.71 2.65
C GLY B 197 -21.02 -7.49 2.97
N LEU B 198 -19.94 -7.22 2.26
CA LEU B 198 -18.70 -8.03 2.36
C LEU B 198 -17.93 -7.66 3.62
N GLY B 199 -17.91 -6.38 3.99
CA GLY B 199 -17.32 -5.88 5.25
C GLY B 199 -18.10 -6.38 6.47
N LEU B 200 -19.41 -6.19 6.49
CA LEU B 200 -20.21 -6.65 7.64
C LEU B 200 -20.15 -8.18 7.71
N GLY B 201 -20.28 -8.87 6.58
CA GLY B 201 -20.24 -10.34 6.52
C GLY B 201 -18.86 -10.89 6.80
N GLY B 202 -17.83 -10.25 6.25
CA GLY B 202 -16.46 -10.77 6.35
C GLY B 202 -15.98 -10.72 7.78
N PHE B 203 -16.13 -9.55 8.41
CA PHE B 203 -15.76 -9.35 9.83
C PHE B 203 -16.74 -10.10 10.75
N GLY B 204 -18.04 -10.04 10.43
CA GLY B 204 -19.09 -10.76 11.17
C GLY B 204 -18.84 -12.26 11.18
N ALA B 205 -18.23 -12.82 10.13
CA ALA B 205 -17.93 -14.28 10.02
C ALA B 205 -16.80 -14.69 10.96
N ALA B 206 -15.85 -13.80 11.26
CA ALA B 206 -14.72 -13.99 12.21
C ALA B 206 -15.17 -13.66 13.64
N ARG B 207 -16.42 -13.28 13.79
CA ARG B 207 -17.08 -12.80 15.03
C ARG B 207 -16.19 -11.74 15.65
N ALA B 208 -15.68 -10.83 14.83
CA ALA B 208 -14.83 -9.69 15.27
C ALA B 208 -15.69 -8.50 15.69
N LEU B 209 -16.95 -8.44 15.23
CA LEU B 209 -17.88 -7.28 15.38
C LEU B 209 -18.72 -7.41 16.67
N SER B 210 -18.95 -6.28 17.34
CA SER B 210 -20.06 -6.09 18.29
C SER B 210 -21.37 -6.49 17.61
N THR B 211 -22.17 -7.30 18.30
CA THR B 211 -23.54 -7.68 17.85
C THR B 211 -24.61 -6.99 18.72
N ARG B 212 -24.28 -5.90 19.44
CA ARG B 212 -25.24 -5.14 20.31
C ARG B 212 -26.23 -4.32 19.46
N ASN B 213 -27.09 -5.01 18.68
CA ASN B 213 -28.00 -4.38 17.69
C ASN B 213 -29.03 -3.53 18.40
N ASP B 214 -29.30 -3.83 19.67
CA ASP B 214 -30.37 -3.16 20.45
C ASP B 214 -29.88 -1.77 20.86
N GLU B 215 -28.58 -1.58 21.10
CA GLU B 215 -28.06 -0.27 21.60
C GLU B 215 -26.81 0.08 20.79
N PRO B 216 -26.97 0.50 19.52
CA PRO B 216 -25.83 0.66 18.62
C PRO B 216 -24.84 1.72 19.13
N THR B 217 -25.33 2.74 19.82
CA THR B 217 -24.48 3.86 20.30
C THR B 217 -23.66 3.41 21.51
N ARG B 218 -24.07 2.33 22.19
CA ARG B 218 -23.33 1.81 23.38
C ARG B 218 -22.41 0.66 22.97
N ALA B 219 -22.44 0.24 21.71
CA ALA B 219 -21.73 -0.97 21.22
C ALA B 219 -20.23 -0.82 21.43
N SER B 220 -19.69 0.34 21.02
CA SER B 220 -18.24 0.64 21.04
C SER B 220 -17.86 1.17 22.43
N ARG B 221 -17.15 0.35 23.20
CA ARG B 221 -16.98 0.54 24.66
C ARG B 221 -15.59 0.00 25.01
N PRO B 222 -14.53 0.66 24.52
CA PRO B 222 -13.15 0.24 24.76
C PRO B 222 -12.83 0.23 26.26
N TRP B 223 -12.25 -0.89 26.69
CA TRP B 223 -11.80 -1.16 28.08
C TRP B 223 -12.99 -1.39 29.04
N ASP B 224 -14.22 -1.44 28.54
CA ASP B 224 -15.44 -1.71 29.36
C ASP B 224 -15.61 -3.22 29.40
N ARG B 225 -15.97 -3.76 30.56
CA ARG B 225 -15.90 -5.23 30.77
C ARG B 225 -16.96 -5.94 29.92
N ASP B 226 -17.94 -5.20 29.38
CA ASP B 226 -19.04 -5.73 28.53
C ASP B 226 -18.78 -5.51 27.02
N ARG B 227 -17.61 -5.02 26.60
CA ARG B 227 -17.29 -4.88 25.15
C ARG B 227 -17.30 -6.25 24.47
N ASP B 228 -17.72 -6.30 23.20
CA ASP B 228 -17.90 -7.58 22.46
C ASP B 228 -17.39 -7.42 21.02
N GLY B 229 -16.42 -6.52 20.79
CA GLY B 229 -15.72 -6.35 19.50
C GLY B 229 -15.98 -4.98 18.86
N PHE B 230 -15.41 -4.73 17.67
CA PHE B 230 -15.32 -3.38 17.05
C PHE B 230 -16.61 -3.07 16.29
N VAL B 231 -16.80 -1.78 16.04
CA VAL B 231 -17.94 -1.26 15.23
C VAL B 231 -17.31 -0.78 13.92
N LEU B 232 -17.83 -1.26 12.80
CA LEU B 232 -17.37 -0.94 11.43
C LEU B 232 -17.90 0.46 11.03
N SER B 233 -17.01 1.32 10.55
CA SER B 233 -17.28 2.75 10.28
C SER B 233 -16.60 3.17 8.98
N ASP B 234 -17.15 4.22 8.38
CA ASP B 234 -16.74 4.75 7.05
C ASP B 234 -16.22 6.17 7.22
N GLY B 235 -15.37 6.60 6.29
CA GLY B 235 -14.96 8.01 6.18
C GLY B 235 -13.54 8.13 5.72
N SER B 236 -12.91 9.25 6.04
CA SER B 236 -11.57 9.63 5.54
C SER B 236 -10.98 10.73 6.42
N GLY B 237 -9.65 10.72 6.47
CA GLY B 237 -8.89 11.87 6.99
C GLY B 237 -7.74 12.13 6.07
N ALA B 238 -7.47 13.40 5.82
CA ALA B 238 -6.28 13.85 5.09
C ALA B 238 -5.64 14.97 5.87
N LEU B 239 -4.31 14.98 5.85
CA LEU B 239 -3.51 16.09 6.40
C LEU B 239 -2.61 16.63 5.32
N VAL B 240 -2.45 17.94 5.32
CA VAL B 240 -1.34 18.59 4.57
C VAL B 240 -0.14 18.63 5.51
N LEU B 241 0.89 17.88 5.16
CA LEU B 241 2.21 17.88 5.84
C LEU B 241 3.12 18.76 5.01
N GLU B 242 3.95 19.53 5.69
CA GLU B 242 4.70 20.64 5.06
C GLU B 242 6.01 20.83 5.83
N GLU B 243 7.12 20.96 5.10
CA GLU B 243 8.41 21.39 5.68
C GLU B 243 8.21 22.75 6.35
N LEU B 244 8.78 22.92 7.55
CA LEU B 244 8.58 24.10 8.42
C LEU B 244 8.91 25.39 7.67
N GLU B 245 10.11 25.52 7.13
CA GLU B 245 10.56 26.77 6.46
C GLU B 245 9.62 27.12 5.28
N HIS B 246 9.21 26.11 4.51
CA HIS B 246 8.22 26.27 3.41
C HIS B 246 6.90 26.85 3.95
N ALA B 247 6.42 26.32 5.08
CA ALA B 247 5.15 26.75 5.73
C ALA B 247 5.33 28.18 6.25
N ARG B 248 6.48 28.49 6.86
CA ARG B 248 6.70 29.83 7.45
C ARG B 248 6.78 30.90 6.36
N ALA B 249 7.47 30.57 5.26
CA ALA B 249 7.75 31.49 4.14
C ALA B 249 6.45 31.99 3.52
N ARG B 250 5.47 31.12 3.33
CA ARG B 250 4.19 31.52 2.72
C ARG B 250 3.21 31.95 3.83
N GLY B 251 3.62 31.95 5.11
CA GLY B 251 2.78 32.39 6.22
C GLY B 251 1.59 31.46 6.44
N ALA B 252 1.84 30.16 6.42
CA ALA B 252 0.82 29.11 6.69
C ALA B 252 0.42 29.16 8.18
N ARG B 253 -0.85 28.81 8.41
CA ARG B 253 -1.41 28.49 9.74
C ARG B 253 -0.94 27.06 10.03
N ILE B 254 -0.16 26.90 11.10
CA ILE B 254 0.45 25.62 11.53
C ILE B 254 -0.37 25.12 12.71
N TYR B 255 -1.04 23.98 12.58
CA TYR B 255 -1.79 23.37 13.70
C TYR B 255 -0.84 22.82 14.78
N ALA B 256 0.21 22.11 14.38
CA ALA B 256 1.07 21.28 15.27
C ALA B 256 2.25 20.80 14.43
N GLU B 257 3.26 20.24 15.09
CA GLU B 257 4.46 19.65 14.45
C GLU B 257 4.35 18.13 14.62
N LEU B 258 4.66 17.41 13.55
CA LEU B 258 4.90 15.95 13.56
C LEU B 258 6.39 15.69 13.85
N VAL B 259 6.69 15.28 15.09
CA VAL B 259 8.05 15.22 15.67
C VAL B 259 8.53 13.78 15.60
N GLY B 260 7.62 12.80 15.56
CA GLY B 260 7.97 11.39 15.78
C GLY B 260 7.07 10.43 15.01
N PHE B 261 7.68 9.40 14.41
CA PHE B 261 7.00 8.28 13.74
C PHE B 261 7.69 6.98 14.12
N GLY B 262 6.90 6.01 14.57
CA GLY B 262 7.32 4.67 14.93
C GLY B 262 6.56 3.61 14.17
N MET B 263 7.27 2.53 13.87
CA MET B 263 6.75 1.30 13.22
C MET B 263 7.33 0.12 13.97
N SER B 264 6.60 -0.98 13.96
CA SER B 264 7.05 -2.31 14.43
C SER B 264 6.09 -3.35 13.91
N GLY B 265 6.53 -4.60 13.97
CA GLY B 265 5.70 -5.78 13.78
C GLY B 265 5.75 -6.63 15.03
N ASP B 266 4.57 -7.09 15.47
CA ASP B 266 4.42 -8.03 16.61
C ASP B 266 5.09 -9.34 16.25
N ALA B 267 5.01 -9.77 14.97
CA ALA B 267 5.45 -11.09 14.50
C ALA B 267 4.76 -12.15 15.37
N PHE B 268 3.47 -11.97 15.70
CA PHE B 268 2.79 -12.82 16.70
C PHE B 268 1.63 -13.60 16.07
N HIS B 269 0.52 -12.94 15.72
CA HIS B 269 -0.71 -13.59 15.21
C HIS B 269 -1.34 -12.71 14.13
N MET B 270 -2.10 -13.35 13.23
CA MET B 270 -2.67 -12.71 12.00
C MET B 270 -3.64 -11.60 12.41
N THR B 271 -4.37 -11.77 13.52
CA THR B 271 -5.45 -10.82 13.92
C THR B 271 -5.35 -10.38 15.38
N ALA B 272 -4.72 -11.14 16.27
CA ALA B 272 -4.71 -10.89 17.72
C ALA B 272 -3.35 -10.34 18.14
N PRO B 273 -3.31 -9.29 18.98
CA PRO B 273 -2.04 -8.77 19.49
C PRO B 273 -1.52 -9.71 20.57
N PRO B 274 -0.23 -9.66 20.95
CA PRO B 274 0.24 -10.37 22.14
C PRO B 274 -0.38 -9.72 23.40
N GLU B 275 -0.75 -10.54 24.38
CA GLU B 275 -1.42 -10.11 25.64
C GLU B 275 -0.71 -8.88 26.25
N ASP B 276 0.63 -8.83 26.26
CA ASP B 276 1.44 -7.77 26.90
C ASP B 276 1.68 -6.57 25.96
N GLY B 277 1.17 -6.57 24.73
CA GLY B 277 1.38 -5.46 23.77
C GLY B 277 2.84 -5.21 23.50
N ALA B 278 3.70 -6.22 23.58
CA ALA B 278 5.16 -6.07 23.40
C ALA B 278 5.44 -5.30 22.08
N GLY B 279 4.63 -5.52 21.05
CA GLY B 279 4.87 -4.90 19.73
C GLY B 279 4.51 -3.43 19.75
N ALA B 280 3.38 -3.12 20.35
CA ALA B 280 2.88 -1.74 20.51
C ALA B 280 3.84 -0.94 21.40
N ALA B 281 4.40 -1.58 22.44
CA ALA B 281 5.46 -0.98 23.29
C ALA B 281 6.68 -0.59 22.45
N ARG B 282 7.23 -1.51 21.66
CA ARG B 282 8.43 -1.25 20.83
C ARG B 282 8.17 -0.08 19.87
N CYS B 283 6.99 -0.06 19.26
CA CYS B 283 6.55 0.97 18.28
C CYS B 283 6.48 2.34 18.97
N MET B 284 5.82 2.44 20.13
CA MET B 284 5.76 3.72 20.87
C MET B 284 7.17 4.17 21.29
N LYS B 285 7.98 3.25 21.83
CA LYS B 285 9.40 3.52 22.17
C LYS B 285 10.10 4.02 20.91
N ASN B 286 9.90 3.37 19.76
CA ASN B 286 10.56 3.79 18.49
C ASN B 286 10.14 5.23 18.16
N ALA B 287 8.87 5.55 18.36
CA ALA B 287 8.30 6.88 17.99
C ALA B 287 8.91 7.96 18.91
N LEU B 288 8.99 7.67 20.20
CA LEU B 288 9.58 8.61 21.18
C LEU B 288 11.06 8.80 20.91
N ARG B 289 11.82 7.71 20.67
CA ARG B 289 13.24 7.81 20.24
C ARG B 289 13.32 8.65 18.96
N ASP B 290 12.55 8.29 17.93
CA ASP B 290 12.45 9.09 16.69
C ASP B 290 12.31 10.57 17.03
N ALA B 291 11.43 10.98 17.97
CA ALA B 291 11.19 12.41 18.28
C ALA B 291 12.22 12.97 19.28
N GLY B 292 13.19 12.18 19.72
CA GLY B 292 14.11 12.57 20.80
C GLY B 292 13.37 12.96 22.07
N LEU B 293 12.23 12.35 22.39
CA LEU B 293 11.48 12.60 23.64
C LEU B 293 11.57 11.42 24.62
N ASP B 294 11.58 11.75 25.91
N ASP B 294 11.62 11.73 25.92
CA ASP B 294 11.51 10.80 27.06
CA ASP B 294 11.52 10.75 27.03
C ASP B 294 10.03 10.45 27.25
C ASP B 294 10.04 10.43 27.23
N PRO B 295 9.67 9.19 27.56
CA PRO B 295 8.27 8.85 27.80
C PRO B 295 7.50 9.83 28.70
N ARG B 296 8.21 10.43 29.69
CA ARG B 296 7.67 11.40 30.68
C ARG B 296 7.05 12.64 30.02
N GLN B 297 7.46 13.00 28.81
CA GLN B 297 6.99 14.25 28.15
C GLN B 297 5.59 14.04 27.53
N VAL B 298 5.11 12.80 27.39
CA VAL B 298 3.82 12.49 26.68
C VAL B 298 2.64 12.87 27.58
N ASP B 299 1.68 13.61 27.03
CA ASP B 299 0.53 14.11 27.82
C ASP B 299 -0.77 13.42 27.43
N TYR B 300 -0.95 13.09 26.16
CA TYR B 300 -2.22 12.58 25.63
C TYR B 300 -1.91 11.51 24.59
N ILE B 301 -2.58 10.37 24.70
CA ILE B 301 -2.54 9.25 23.72
C ILE B 301 -3.94 9.04 23.15
N ASN B 302 -4.06 9.16 21.84
CA ASN B 302 -5.24 8.65 21.12
C ASN B 302 -4.96 7.18 20.85
N ALA B 303 -5.57 6.33 21.66
CA ALA B 303 -5.41 4.86 21.64
C ALA B 303 -5.91 4.35 20.30
N HIS B 304 -5.48 3.16 19.91
CA HIS B 304 -6.17 2.34 18.89
C HIS B 304 -7.58 2.05 19.45
N GLY B 305 -7.67 1.49 20.66
CA GLY B 305 -8.93 1.32 21.43
C GLY B 305 -10.12 0.82 20.61
N THR B 306 -10.02 -0.37 19.99
CA THR B 306 -11.00 -0.89 19.02
C THR B 306 -12.27 -1.45 19.70
N SER B 307 -12.25 -1.74 21.01
CA SER B 307 -13.36 -2.41 21.76
C SER B 307 -13.31 -3.93 21.56
N THR B 308 -12.20 -4.49 21.08
CA THR B 308 -11.93 -5.95 21.08
C THR B 308 -11.32 -6.31 22.44
N PRO B 309 -11.73 -7.43 23.04
CA PRO B 309 -11.27 -7.75 24.39
C PRO B 309 -9.73 -7.82 24.43
N ALA B 310 -9.09 -8.59 23.55
CA ALA B 310 -7.62 -8.80 23.59
C ALA B 310 -6.89 -7.49 23.23
N GLY B 311 -7.38 -6.77 22.23
CA GLY B 311 -6.78 -5.53 21.70
C GLY B 311 -6.65 -4.44 22.77
N ASP B 312 -7.73 -4.17 23.48
CA ASP B 312 -7.83 -3.05 24.46
C ASP B 312 -6.87 -3.32 25.61
N ILE B 313 -6.83 -4.56 26.13
CA ILE B 313 -6.01 -4.95 27.32
C ILE B 313 -4.54 -4.91 26.92
N ALA B 314 -4.19 -5.36 25.70
CA ALA B 314 -2.81 -5.26 25.15
C ALA B 314 -2.27 -3.82 25.22
N GLU B 315 -3.11 -2.83 24.89
N GLU B 315 -3.14 -2.85 24.90
CA GLU B 315 -2.72 -1.40 24.85
CA GLU B 315 -2.79 -1.42 24.85
C GLU B 315 -2.53 -0.86 26.27
C GLU B 315 -2.53 -0.88 26.26
N ILE B 316 -3.32 -1.32 27.24
CA ILE B 316 -3.08 -0.96 28.69
C ILE B 316 -1.66 -1.45 29.05
N ALA B 317 -1.34 -2.72 28.80
CA ALA B 317 -0.01 -3.34 29.08
C ALA B 317 1.14 -2.55 28.46
N ALA B 318 1.00 -2.26 27.16
CA ALA B 318 2.00 -1.54 26.34
C ALA B 318 2.33 -0.21 26.99
N VAL B 319 1.31 0.58 27.32
CA VAL B 319 1.46 1.93 27.90
C VAL B 319 2.15 1.82 29.27
N LYS B 320 1.70 0.88 30.12
CA LYS B 320 2.29 0.68 31.48
C LYS B 320 3.76 0.31 31.30
N SER B 321 4.06 -0.53 30.31
CA SER B 321 5.45 -0.96 30.02
C SER B 321 6.28 0.21 29.50
N VAL B 322 5.77 1.02 28.56
CA VAL B 322 6.52 2.18 28.02
C VAL B 322 6.60 3.33 29.05
N PHE B 323 5.57 3.60 29.83
CA PHE B 323 5.51 4.90 30.55
C PHE B 323 5.80 4.74 32.03
N GLY B 324 5.79 3.52 32.56
CA GLY B 324 6.17 3.24 33.95
C GLY B 324 5.36 4.11 34.89
N GLU B 325 6.04 4.95 35.67
CA GLU B 325 5.41 5.74 36.76
C GLU B 325 4.73 6.98 36.16
N HIS B 326 4.83 7.23 34.85
CA HIS B 326 4.11 8.34 34.17
C HIS B 326 2.76 7.89 33.57
N ALA B 327 2.56 6.57 33.49
CA ALA B 327 1.43 5.89 32.81
C ALA B 327 0.06 6.44 33.26
N HIS B 328 -0.10 6.86 34.51
CA HIS B 328 -1.39 7.35 35.09
C HIS B 328 -1.50 8.85 34.87
N ALA B 329 -0.39 9.54 34.59
CA ALA B 329 -0.33 11.02 34.52
C ALA B 329 -0.88 11.46 33.17
N LEU B 330 -0.44 10.81 32.09
CA LEU B 330 -1.00 11.02 30.73
C LEU B 330 -2.48 10.58 30.74
N SER B 331 -3.28 11.19 29.88
CA SER B 331 -4.64 10.78 29.55
C SER B 331 -4.58 9.95 28.26
N MET B 332 -5.39 8.91 28.17
CA MET B 332 -5.51 8.03 26.98
C MET B 332 -6.99 7.78 26.72
N SER B 333 -7.45 8.04 25.50
CA SER B 333 -8.88 7.86 25.13
C SER B 333 -8.94 7.22 23.74
N SER B 334 -9.93 6.36 23.55
CA SER B 334 -10.38 5.84 22.24
C SER B 334 -11.52 6.74 21.73
N THR B 335 -11.23 7.50 20.69
CA THR B 335 -12.30 8.23 19.98
C THR B 335 -13.12 7.20 19.22
N LYS B 336 -12.66 5.96 19.11
CA LYS B 336 -13.51 4.93 18.42
C LYS B 336 -14.76 4.61 19.27
N SER B 337 -14.78 4.97 20.55
CA SER B 337 -16.00 4.90 21.40
C SER B 337 -17.16 5.67 20.76
N MET B 338 -16.88 6.73 20.00
CA MET B 338 -17.87 7.62 19.33
C MET B 338 -17.92 7.35 17.81
N THR B 339 -16.78 7.16 17.14
CA THR B 339 -16.67 7.11 15.65
C THR B 339 -16.83 5.67 15.14
N GLY B 340 -16.58 4.72 15.99
CA GLY B 340 -16.32 3.35 15.56
C GLY B 340 -14.95 3.29 14.92
N HIS B 341 -14.71 2.19 14.26
CA HIS B 341 -13.40 1.84 13.66
C HIS B 341 -13.52 2.05 12.17
N LEU B 342 -12.87 3.09 11.63
CA LEU B 342 -12.82 3.43 10.18
C LEU B 342 -11.69 2.65 9.48
N LEU B 343 -11.14 1.64 10.18
CA LEU B 343 -10.11 0.70 9.64
C LEU B 343 -8.96 1.54 9.06
N GLY B 344 -8.71 1.49 7.76
CA GLY B 344 -7.54 2.16 7.17
C GLY B 344 -7.61 3.67 7.35
N ALA B 345 -8.79 4.23 7.52
CA ALA B 345 -8.91 5.68 7.78
C ALA B 345 -8.81 5.98 9.27
N ALA B 346 -8.82 4.97 10.17
CA ALA B 346 -8.85 5.22 11.64
C ALA B 346 -7.67 6.11 12.02
N GLY B 347 -6.49 5.81 11.51
CA GLY B 347 -5.25 6.51 11.88
C GLY B 347 -5.25 7.95 11.41
N ALA B 348 -5.92 8.20 10.28
CA ALA B 348 -6.00 9.54 9.67
C ALA B 348 -6.89 10.44 10.53
N VAL B 349 -8.11 9.99 10.85
CA VAL B 349 -9.04 10.86 11.61
C VAL B 349 -8.52 10.98 13.05
N GLU B 350 -7.80 9.97 13.55
CA GLU B 350 -7.33 9.99 14.97
C GLU B 350 -6.11 10.90 15.11
N ALA B 351 -5.29 11.02 14.05
CA ALA B 351 -4.16 11.97 13.95
C ALA B 351 -4.73 13.38 14.01
N ILE B 352 -5.83 13.64 13.29
CA ILE B 352 -6.49 14.98 13.30
C ILE B 352 -6.99 15.30 14.72
N PHE B 353 -7.60 14.33 15.38
CA PHE B 353 -8.16 14.50 16.74
C PHE B 353 -7.01 14.75 17.69
N SER B 354 -5.84 14.17 17.43
CA SER B 354 -4.62 14.33 18.28
C SER B 354 -4.09 15.74 18.10
N VAL B 355 -4.08 16.22 16.86
CA VAL B 355 -3.69 17.61 16.54
C VAL B 355 -4.67 18.56 17.22
N LEU B 356 -5.97 18.28 17.15
CA LEU B 356 -6.99 19.22 17.68
C LEU B 356 -6.96 19.21 19.21
N ALA B 357 -6.58 18.09 19.82
CA ALA B 357 -6.39 17.97 21.28
C ALA B 357 -5.25 18.90 21.70
N LEU B 358 -4.25 19.06 20.84
CA LEU B 358 -3.14 19.99 21.08
C LEU B 358 -3.67 21.41 20.93
N ARG B 359 -4.34 21.73 19.83
CA ARG B 359 -4.80 23.12 19.60
C ARG B 359 -5.69 23.51 20.77
N ASP B 360 -6.61 22.65 21.22
CA ASP B 360 -7.71 23.07 22.13
C ASP B 360 -7.42 22.69 23.59
N GLN B 361 -6.31 22.01 23.86
CA GLN B 361 -5.89 21.64 25.24
C GLN B 361 -7.03 20.84 25.90
N VAL B 362 -7.48 19.78 25.25
CA VAL B 362 -8.62 18.97 25.75
C VAL B 362 -8.43 17.54 25.28
N ALA B 363 -8.54 16.59 26.20
CA ALA B 363 -8.54 15.14 25.91
C ALA B 363 -9.97 14.71 25.59
N PRO B 364 -10.22 14.19 24.36
CA PRO B 364 -11.50 13.58 24.01
C PRO B 364 -11.88 12.43 24.92
N PRO B 365 -13.20 12.25 25.20
CA PRO B 365 -13.67 11.18 26.07
C PRO B 365 -13.47 9.79 25.45
N THR B 366 -13.39 8.76 26.30
CA THR B 366 -13.82 7.39 25.94
C THR B 366 -15.26 7.25 26.44
N ILE B 367 -16.27 7.43 25.59
CA ILE B 367 -17.68 7.21 26.04
C ILE B 367 -17.91 5.71 26.29
N ASN B 368 -18.99 5.39 27.03
CA ASN B 368 -19.47 4.00 27.30
C ASN B 368 -18.53 3.23 28.25
N LEU B 369 -17.49 3.86 28.83
CA LEU B 369 -16.54 3.22 29.79
C LEU B 369 -17.21 3.25 31.17
N ASP B 370 -18.28 2.47 31.31
CA ASP B 370 -19.19 2.44 32.49
C ASP B 370 -18.51 1.61 33.59
N ASN B 371 -17.76 0.58 33.21
CA ASN B 371 -17.17 -0.44 34.11
C ASN B 371 -15.84 -0.91 33.53
N PRO B 372 -14.79 -0.10 33.71
CA PRO B 372 -13.45 -0.47 33.26
C PRO B 372 -13.22 -1.94 33.59
N ASP B 373 -12.44 -2.63 32.78
CA ASP B 373 -12.16 -4.05 33.01
C ASP B 373 -11.00 -4.18 34.00
N GLU B 374 -10.74 -5.40 34.46
CA GLU B 374 -9.54 -5.76 35.25
C GLU B 374 -8.33 -5.10 34.57
N GLY B 375 -7.56 -4.32 35.32
CA GLY B 375 -6.29 -3.76 34.84
C GLY B 375 -6.46 -2.41 34.16
N CYS B 376 -7.70 -1.98 33.89
CA CYS B 376 -7.98 -0.77 33.06
C CYS B 376 -8.14 0.42 34.01
N ASP B 377 -7.08 0.73 34.75
CA ASP B 377 -7.08 1.73 35.85
C ASP B 377 -6.32 3.01 35.42
N LEU B 378 -5.94 3.14 34.15
CA LEU B 378 -5.32 4.38 33.61
C LEU B 378 -6.37 5.50 33.54
N ASP B 379 -5.95 6.71 33.24
CA ASP B 379 -6.87 7.85 33.00
C ASP B 379 -7.35 7.66 31.56
N LEU B 380 -8.50 6.98 31.40
CA LEU B 380 -9.04 6.63 30.06
C LEU B 380 -10.07 7.67 29.66
N VAL B 381 -10.09 8.80 30.40
CA VAL B 381 -10.99 9.96 30.15
C VAL B 381 -12.43 9.44 30.02
N ALA B 382 -12.91 8.63 30.96
CA ALA B 382 -14.28 8.06 30.90
C ALA B 382 -15.33 9.18 30.76
N HIS B 383 -16.25 9.00 29.80
CA HIS B 383 -17.57 9.65 29.64
C HIS B 383 -17.48 11.07 29.05
N GLU B 384 -16.60 11.95 29.54
CA GLU B 384 -16.61 13.39 29.17
C GLU B 384 -15.20 13.87 28.83
N ALA B 385 -15.12 14.79 27.88
CA ALA B 385 -13.87 15.48 27.46
C ALA B 385 -13.21 16.02 28.72
N LYS B 386 -11.89 16.09 28.73
CA LYS B 386 -11.17 16.61 29.91
C LYS B 386 -10.19 17.69 29.45
N PRO B 387 -10.44 18.99 29.75
CA PRO B 387 -9.47 20.05 29.51
C PRO B 387 -8.20 19.81 30.34
N ARG B 388 -7.02 19.90 29.76
CA ARG B 388 -5.78 19.62 30.52
C ARG B 388 -4.62 20.16 29.71
N LYS B 389 -3.42 20.17 30.30
CA LYS B 389 -2.19 20.55 29.58
C LYS B 389 -1.83 19.45 28.60
N ILE B 390 -1.64 19.78 27.33
CA ILE B 390 -1.08 18.81 26.34
C ILE B 390 0.00 19.49 25.49
N ASP B 391 1.25 19.09 25.66
CA ASP B 391 2.37 19.52 24.79
C ASP B 391 2.65 18.44 23.72
N VAL B 392 2.60 17.16 24.11
CA VAL B 392 3.00 15.99 23.26
C VAL B 392 1.80 15.04 23.24
N ALA B 393 1.33 14.67 22.03
CA ALA B 393 0.20 13.74 21.82
C ALA B 393 0.66 12.59 20.93
N LEU B 394 0.30 11.36 21.29
CA LEU B 394 0.62 10.15 20.50
C LEU B 394 -0.67 9.69 19.84
N SER B 395 -0.57 9.17 18.63
CA SER B 395 -1.67 8.44 17.98
C SER B 395 -1.16 7.06 17.61
N ASN B 396 -1.82 6.02 18.14
CA ASN B 396 -1.43 4.62 17.88
C ASN B 396 -2.45 3.96 16.95
N SER B 397 -1.92 3.07 16.10
CA SER B 397 -2.66 2.06 15.34
C SER B 397 -1.91 0.71 15.44
N PHE B 398 -2.66 -0.33 15.75
CA PHE B 398 -2.19 -1.73 15.90
C PHE B 398 -3.15 -2.63 15.12
N GLY B 399 -2.81 -3.04 13.90
CA GLY B 399 -3.69 -3.76 12.97
C GLY B 399 -3.29 -5.21 12.68
N PHE B 400 -4.17 -5.88 11.91
CA PHE B 400 -4.05 -7.27 11.43
C PHE B 400 -2.66 -7.45 10.83
N GLY B 401 -2.09 -8.64 10.97
CA GLY B 401 -0.70 -8.94 10.57
C GLY B 401 0.30 -8.44 11.60
N GLY B 402 -0.19 -7.88 12.71
CA GLY B 402 0.60 -7.37 13.84
C GLY B 402 1.47 -6.17 13.44
N THR B 403 0.93 -5.34 12.55
CA THR B 403 1.64 -4.15 12.02
C THR B 403 1.25 -2.94 12.88
N ASN B 404 2.27 -2.26 13.39
CA ASN B 404 2.06 -1.19 14.39
C ASN B 404 2.60 0.12 13.82
N GLY B 405 1.86 1.18 14.12
CA GLY B 405 2.25 2.55 13.81
C GLY B 405 2.01 3.45 15.01
N THR B 406 2.90 4.42 15.22
CA THR B 406 2.72 5.50 16.21
C THR B 406 3.26 6.83 15.65
N LEU B 407 2.45 7.87 15.80
CA LEU B 407 2.78 9.26 15.39
C LEU B 407 2.90 10.10 16.67
N VAL B 408 3.92 10.96 16.75
CA VAL B 408 4.14 11.89 17.90
C VAL B 408 3.92 13.32 17.40
N PHE B 409 2.89 13.99 17.89
CA PHE B 409 2.64 15.41 17.58
C PHE B 409 3.06 16.24 18.79
N ARG B 410 3.54 17.45 18.53
CA ARG B 410 3.98 18.43 19.55
C ARG B 410 3.35 19.79 19.24
N ARG B 411 2.95 20.55 20.26
CA ARG B 411 2.50 21.97 20.08
C ARG B 411 3.62 22.72 19.35
N PHE B 412 3.24 23.59 18.42
CA PHE B 412 4.17 24.47 17.67
C PHE B 412 3.87 25.93 18.03
N ALA B 413 4.84 26.74 18.46
CA ALA B 413 4.65 28.17 18.79
C ALA B 413 5.94 28.97 18.54
N1 O1M C . -12.33 2.64 -20.84
C4 O1M C . -10.93 2.57 -21.39
C5 O1M C . -9.30 2.20 -18.75
C6 O1M C . -9.76 1.37 -17.70
C7 O1M C . -9.02 0.26 -17.30
C8 O1M C . -7.82 -0.05 -17.95
C10 O1M C . -8.06 1.86 -19.39
N O1M C . -13.99 4.44 -21.03
C O1M C . -13.31 3.38 -21.64
O O1M C . -13.56 3.10 -22.82
C1 O1M C . -12.41 2.69 -19.32
C2 O1M C . -11.36 3.66 -18.69
C3 O1M C . -10.01 3.60 -20.71
C9 O1M C . -7.33 0.74 -19.00
F O1M C . -7.15 -1.16 -17.57
N2 O1M C . -9.98 3.40 -19.21
N1 O1M D . 30.66 7.33 -21.48
C4 O1M D . 31.25 8.49 -20.72
C5 O1M D . 31.46 7.25 -17.17
C6 O1M D . 31.08 8.30 -16.29
C7 O1M D . 31.47 8.26 -14.94
C8 O1M D . 32.23 7.17 -14.46
C10 O1M D . 32.23 6.13 -16.66
N O1M D . 31.05 8.41 -23.58
C O1M D . 30.18 7.66 -22.82
O O1M D . 29.10 7.32 -23.30
C1 O1M D . 30.00 6.21 -20.69
C2 O1M D . 30.45 6.06 -19.20
C3 O1M D . 30.88 8.52 -19.22
C9 O1M D . 32.62 6.09 -15.29
F O1M D . 32.65 7.21 -13.19
N2 O1M D . 31.19 7.21 -18.60
S DMS E . 18.89 3.75 -1.48
O DMS E . 18.13 4.83 -0.75
C1 DMS E . 18.80 4.14 -3.22
C2 DMS E . 20.62 4.10 -1.30
S DMS F . 23.43 12.50 -23.81
O DMS F . 23.94 11.35 -24.66
C1 DMS F . 23.35 11.94 -22.13
C2 DMS F . 24.81 13.65 -23.73
S DMS G . -15.64 -19.47 -0.02
O DMS G . -16.76 -18.84 0.77
C1 DMS G . -16.36 -20.67 -1.12
C2 DMS G . -14.81 -20.56 1.12
N1 O1M H . -8.45 -16.95 12.85
C4 O1M H . -8.29 -15.91 13.91
C5 O1M H . -10.35 -13.21 12.62
C6 O1M H . -10.49 -12.70 11.30
C7 O1M H . -10.92 -11.41 11.08
C8 O1M H . -11.18 -10.62 12.20
C10 O1M H . -10.54 -12.37 13.73
N O1M H . -10.48 -18.26 13.12
C O1M H . -9.10 -18.16 13.33
O O1M H . -8.48 -19.06 13.89
C1 O1M H . -9.03 -16.39 11.59
C2 O1M H . -10.32 -15.59 11.81
C3 O1M H . -9.61 -15.14 14.16
C9 O1M H . -10.95 -11.07 13.52
F O1M H . -11.74 -9.44 12.02
N2 O1M H . -10.18 -14.61 12.88
S DMS I . -13.01 20.36 -5.06
O DMS I . -12.24 21.26 -4.15
C1 DMS I . -14.24 21.42 -5.82
C2 DMS I . -11.99 20.07 -6.51
S DMS J . 0.77 27.70 -12.27
O DMS J . 2.17 28.24 -11.96
C1 DMS J . -0.39 28.84 -11.54
C2 DMS J . 0.48 28.03 -14.00
S DMS K . 9.59 13.20 10.49
O DMS K . 10.62 12.17 10.12
C1 DMS K . 8.66 12.51 11.83
C2 DMS K . 10.46 14.44 11.45
S DMS L . -17.28 1.56 -11.50
O DMS L . -17.56 0.14 -11.13
C1 DMS L . -18.73 2.11 -12.39
C2 DMS L . -17.52 2.55 -10.04
S DMS M . -12.77 23.22 4.37
O DMS M . -11.42 22.59 4.62
C1 DMS M . -13.85 22.75 5.71
C2 DMS M . -13.54 22.31 3.08
S DMS N . -20.74 3.96 -7.60
O DMS N . -19.27 3.69 -7.66
C1 DMS N . -20.89 5.72 -7.51
C2 DMS N . -21.29 3.55 -5.96
S DMS O . -4.49 25.00 -5.34
O DMS O . -3.45 25.61 -6.26
C1 DMS O . -5.89 24.55 -6.34
C2 DMS O . -5.25 26.37 -4.48
P PO4 P . 7.70 27.21 -3.50
O1 PO4 P . 8.16 28.47 -2.74
O2 PO4 P . 7.51 27.51 -5.00
O3 PO4 P . 6.38 26.74 -2.85
O4 PO4 P . 8.79 26.14 -3.35
#